data_6PSP
#
_entry.id   6PSP
#
_cell.length_a   67.443
_cell.length_b   122.627
_cell.length_c   83.721
_cell.angle_alpha   90.000
_cell.angle_beta   100.200
_cell.angle_gamma   90.000
#
_symmetry.space_group_name_H-M   'P 1 21 1'
#
loop_
_entity.id
_entity.type
_entity.pdbx_description
1 polymer 'Adenylate kinase'
2 non-polymer "BIS(ADENOSINE)-5'-PENTAPHOSPHATE"
3 water water
#
_entity_poly.entity_id   1
_entity_poly.type   'polypeptide(L)'
_entity_poly.pdbx_seq_one_letter_code
;MKNKVVVVTGVPGVGGTTLTQKTIEKLKEEGIEYKMVNFGTVMFEVAKEEGLVEDRDQMRKLDPDTQKRIQKLAGRKIAE
MAKESNVIVDTHSTVKTPKGYLAGLPIWVLEELNPDIIVIVETSSDEILMRRLGDATRNRDIELTSDIDEHQFMNRCAAM
AYGVLTGATVKIIKNRDGLLDKAVEELISVLKLEHHHHHH
;
_entity_poly.pdbx_strand_id   A,B,C,D,E,F
#
# COMPACT_ATOMS: atom_id res chain seq x y z
N LYS A 2 -20.46 -37.43 4.01
CA LYS A 2 -19.95 -38.76 4.43
C LYS A 2 -18.47 -38.55 4.77
N ASN A 3 -18.17 -38.38 6.06
CA ASN A 3 -16.80 -38.08 6.49
C ASN A 3 -16.39 -36.76 5.91
N LYS A 4 -16.73 -35.62 6.57
CA LYS A 4 -16.28 -34.34 6.04
C LYS A 4 -14.88 -34.06 6.57
N VAL A 5 -14.09 -33.41 5.75
CA VAL A 5 -12.70 -33.11 6.04
C VAL A 5 -12.50 -31.63 5.81
N VAL A 6 -12.31 -30.87 6.89
CA VAL A 6 -12.05 -29.44 6.81
C VAL A 6 -10.60 -29.23 7.20
N VAL A 7 -9.87 -28.47 6.39
CA VAL A 7 -8.50 -28.11 6.69
C VAL A 7 -8.53 -26.65 7.12
N VAL A 8 -7.97 -26.35 8.28
CA VAL A 8 -7.92 -24.99 8.82
C VAL A 8 -6.46 -24.58 8.88
N THR A 9 -6.13 -23.45 8.21
CA THR A 9 -4.76 -22.98 8.04
C THR A 9 -4.59 -21.53 8.50
N GLY A 10 -3.32 -21.12 8.64
CA GLY A 10 -3.01 -19.78 9.10
C GLY A 10 -1.59 -19.73 9.64
N VAL A 11 -0.94 -18.57 9.56
CA VAL A 11 0.44 -18.46 10.03
C VAL A 11 0.43 -18.62 11.55
N PRO A 12 1.54 -19.04 12.15
CA PRO A 12 1.55 -19.18 13.62
C PRO A 12 1.19 -17.87 14.27
N GLY A 13 0.33 -17.94 15.28
CA GLY A 13 -0.14 -16.79 15.98
C GLY A 13 -1.46 -16.24 15.48
N VAL A 14 -1.89 -16.65 14.28
CA VAL A 14 -3.12 -16.11 13.74
C VAL A 14 -4.32 -16.70 14.44
N GLY A 15 -4.16 -17.83 15.10
CA GLY A 15 -5.19 -18.34 15.96
C GLY A 15 -6.10 -19.42 15.41
N GLY A 16 -5.62 -20.27 14.50
CA GLY A 16 -6.48 -21.32 13.97
C GLY A 16 -6.89 -22.36 15.00
N THR A 17 -5.99 -22.72 15.92
CA THR A 17 -6.33 -23.68 16.97
C THR A 17 -7.46 -23.13 17.84
N THR A 18 -7.38 -21.85 18.20
CA THR A 18 -8.42 -21.22 19.01
C THR A 18 -9.74 -21.16 18.26
N LEU A 19 -9.70 -20.75 17.00
CA LEU A 19 -10.92 -20.73 16.20
C LEU A 19 -11.53 -22.12 16.14
N THR A 20 -10.71 -23.14 15.85
CA THR A 20 -11.23 -24.50 15.76
C THR A 20 -11.81 -24.97 17.08
N GLN A 21 -11.08 -24.76 18.19
CA GLN A 21 -11.58 -25.27 19.46
C GLN A 21 -12.88 -24.60 19.85
N LYS A 22 -12.94 -23.28 19.72
CA LYS A 22 -14.17 -22.55 20.07
C LYS A 22 -15.34 -22.93 19.17
N THR A 23 -15.07 -23.21 17.88
CA THR A 23 -16.11 -23.62 16.94
C THR A 23 -16.60 -25.06 17.20
N ILE A 24 -15.68 -26.00 17.45
CA ILE A 24 -16.09 -27.39 17.59
C ILE A 24 -17.01 -27.55 18.80
N GLU A 25 -16.70 -26.86 19.91
CA GLU A 25 -17.51 -26.98 21.11
C GLU A 25 -18.85 -26.29 20.96
N LYS A 26 -18.90 -25.20 20.17
CA LYS A 26 -20.17 -24.54 19.86
C LYS A 26 -20.97 -25.32 18.83
N LEU A 27 -20.29 -26.02 17.92
CA LEU A 27 -20.98 -26.95 17.02
C LEU A 27 -21.64 -28.10 17.80
N LYS A 28 -20.97 -28.60 18.85
CA LYS A 28 -21.53 -29.71 19.63
C LYS A 28 -22.76 -29.31 20.43
N GLU A 29 -23.02 -28.00 20.60
CA GLU A 29 -24.27 -27.55 21.22
C GLU A 29 -25.49 -27.77 20.30
N GLU A 30 -25.30 -27.73 18.97
CA GLU A 30 -26.34 -28.10 18.01
C GLU A 30 -26.16 -29.53 17.50
N GLY A 31 -25.39 -30.35 18.20
CA GLY A 31 -25.29 -31.74 17.83
C GLY A 31 -24.50 -32.01 16.58
N ILE A 32 -23.50 -31.20 16.28
CA ILE A 32 -22.63 -31.42 15.13
C ILE A 32 -21.23 -31.74 15.65
N GLU A 33 -20.84 -33.02 15.57
CA GLU A 33 -19.59 -33.48 16.15
C GLU A 33 -18.48 -33.41 15.11
N TYR A 34 -17.42 -32.68 15.45
CA TYR A 34 -16.17 -32.62 14.70
C TYR A 34 -15.06 -32.92 15.69
N LYS A 35 -14.04 -33.63 15.23
CA LYS A 35 -12.86 -33.91 16.02
C LYS A 35 -11.72 -33.03 15.53
N MET A 36 -11.03 -32.35 16.45
CA MET A 36 -9.86 -31.56 16.09
C MET A 36 -8.67 -32.49 15.91
N VAL A 37 -7.92 -32.28 14.82
CA VAL A 37 -6.72 -33.06 14.49
C VAL A 37 -5.63 -32.06 14.12
N ASN A 38 -4.55 -32.03 14.90
CA ASN A 38 -3.43 -31.10 14.67
C ASN A 38 -2.32 -31.81 13.89
N PHE A 39 -2.13 -31.39 12.63
CA PHE A 39 -1.18 -32.08 11.74
C PHE A 39 0.22 -32.09 12.33
N GLY A 40 0.62 -30.97 12.93
CA GLY A 40 1.94 -30.88 13.54
C GLY A 40 2.14 -31.84 14.68
N THR A 41 1.07 -32.22 15.37
CA THR A 41 1.20 -33.20 16.44
C THR A 41 1.35 -34.62 15.89
N VAL A 42 0.66 -34.94 14.79
CA VAL A 42 0.86 -36.23 14.15
C VAL A 42 2.31 -36.35 13.73
N MET A 43 2.85 -35.31 13.12
CA MET A 43 4.25 -35.34 12.71
C MET A 43 5.17 -35.40 13.93
N PHE A 44 4.91 -34.56 14.93
CA PHE A 44 5.78 -34.48 16.10
C PHE A 44 5.80 -35.76 16.91
N GLU A 45 4.82 -36.63 16.74
CA GLU A 45 4.85 -37.92 17.47
C GLU A 45 5.76 -38.93 16.77
N VAL A 46 5.85 -38.85 15.44
CA VAL A 46 6.76 -39.70 14.67
C VAL A 46 8.19 -39.20 14.79
N ALA A 47 8.39 -37.88 14.81
CA ALA A 47 9.73 -37.33 14.89
C ALA A 47 10.36 -37.66 16.24
N LYS A 48 9.71 -37.26 17.32
CA LYS A 48 10.23 -37.56 18.65
C LYS A 48 10.41 -39.06 18.87
N GLU A 49 9.65 -39.91 18.18
CA GLU A 49 9.84 -41.35 18.28
C GLU A 49 11.20 -41.76 17.71
N GLU A 50 11.69 -40.97 16.76
CA GLU A 50 12.90 -41.25 16.00
C GLU A 50 14.10 -40.41 16.41
N GLY A 51 13.93 -39.50 17.37
CA GLY A 51 15.03 -38.74 17.94
C GLY A 51 15.31 -37.43 17.24
N LEU A 52 14.49 -37.05 16.26
CA LEU A 52 14.79 -35.89 15.44
C LEU A 52 14.55 -34.58 16.17
N VAL A 53 13.77 -34.60 17.24
CA VAL A 53 13.34 -33.36 17.86
C VAL A 53 13.06 -33.61 19.33
N GLU A 54 13.46 -32.64 20.15
CA GLU A 54 12.95 -32.53 21.50
C GLU A 54 11.56 -31.89 21.50
N ASP A 55 11.38 -30.80 20.73
CA ASP A 55 10.12 -30.05 20.67
C ASP A 55 9.66 -29.84 19.22
N ARG A 56 8.50 -29.20 19.07
CA ARG A 56 7.89 -29.12 17.75
C ARG A 56 8.28 -27.87 16.96
N ASP A 57 8.85 -26.87 17.61
CA ASP A 57 9.33 -25.72 16.83
C ASP A 57 10.64 -26.04 16.12
N GLN A 58 11.29 -27.15 16.50
CA GLN A 58 12.44 -27.71 15.80
C GLN A 58 12.07 -28.48 14.53
N MET A 59 10.79 -28.64 14.21
CA MET A 59 10.42 -29.50 13.09
C MET A 59 10.47 -28.76 11.77
N ARG A 60 10.05 -27.50 11.74
CA ARG A 60 10.19 -26.76 10.49
C ARG A 60 11.65 -26.48 10.13
N LYS A 61 12.63 -26.83 11.00
CA LYS A 61 14.05 -26.58 10.74
C LYS A 61 14.81 -27.76 10.17
N LEU A 62 14.22 -28.94 10.16
CA LEU A 62 14.83 -30.18 9.72
C LEU A 62 14.98 -30.21 8.17
N ASP A 63 15.75 -31.23 7.73
CA ASP A 63 15.85 -31.72 6.36
C ASP A 63 14.51 -31.65 5.69
N PRO A 64 14.27 -30.81 4.64
CA PRO A 64 12.93 -30.93 3.98
C PRO A 64 12.60 -32.22 3.33
N ASP A 65 13.60 -33.12 3.14
CA ASP A 65 13.27 -34.44 2.63
C ASP A 65 12.74 -35.29 3.77
N THR A 66 13.27 -35.03 4.97
CA THR A 66 12.79 -35.65 6.21
C THR A 66 11.44 -35.10 6.61
N GLN A 67 11.19 -33.82 6.31
CA GLN A 67 9.88 -33.26 6.59
C GLN A 67 8.85 -33.94 5.71
N LYS A 68 9.01 -33.82 4.39
CA LYS A 68 8.01 -34.38 3.48
C LYS A 68 7.75 -35.85 3.73
N ARG A 69 8.74 -36.62 4.20
CA ARG A 69 8.54 -38.04 4.46
C ARG A 69 7.66 -38.28 5.69
N ILE A 70 7.80 -37.43 6.71
CA ILE A 70 6.93 -37.48 7.88
C ILE A 70 5.60 -36.80 7.55
N GLN A 71 5.65 -35.77 6.71
CA GLN A 71 4.43 -35.14 6.24
C GLN A 71 3.51 -36.14 5.58
N LYS A 72 4.06 -37.03 4.76
CA LYS A 72 3.21 -37.96 4.03
C LYS A 72 2.58 -38.95 4.97
N LEU A 73 3.39 -39.50 5.87
CA LEU A 73 2.91 -40.35 6.94
C LEU A 73 1.76 -39.70 7.70
N ALA A 74 1.96 -38.46 8.13
CA ALA A 74 0.97 -37.82 8.98
C ALA A 74 -0.34 -37.66 8.24
N GLY A 75 -0.26 -37.34 6.93
CA GLY A 75 -1.45 -37.32 6.12
C GLY A 75 -2.15 -38.67 6.06
N ARG A 76 -1.37 -39.75 6.02
CA ARG A 76 -1.94 -41.10 6.00
C ARG A 76 -2.67 -41.43 7.31
N LYS A 77 -2.02 -41.21 8.45
CA LYS A 77 -2.69 -41.39 9.73
C LYS A 77 -3.99 -40.58 9.76
N ILE A 78 -3.96 -39.33 9.26
CA ILE A 78 -5.15 -38.47 9.34
C ILE A 78 -6.24 -38.95 8.36
N ALA A 79 -5.86 -39.36 7.14
CA ALA A 79 -6.84 -39.94 6.22
C ALA A 79 -7.60 -41.11 6.84
N GLU A 80 -6.91 -41.92 7.65
CA GLU A 80 -7.60 -42.98 8.39
C GLU A 80 -8.53 -42.41 9.45
N MET A 81 -8.11 -41.32 10.13
CA MET A 81 -8.95 -40.72 11.17
C MET A 81 -10.27 -40.23 10.57
N ALA A 82 -10.21 -39.70 9.35
CA ALA A 82 -11.40 -39.19 8.67
C ALA A 82 -12.36 -40.31 8.30
N LYS A 83 -11.88 -41.57 8.20
CA LYS A 83 -12.76 -42.70 7.98
C LYS A 83 -13.67 -42.96 9.18
N GLU A 84 -13.28 -42.51 10.36
CA GLU A 84 -14.05 -42.77 11.58
C GLU A 84 -14.93 -41.59 11.97
N SER A 85 -14.53 -40.36 11.64
CA SER A 85 -15.25 -39.17 12.07
C SER A 85 -15.02 -38.01 11.12
N ASN A 86 -15.84 -36.96 11.28
CA ASN A 86 -15.52 -35.66 10.69
C ASN A 86 -14.29 -35.06 11.38
N VAL A 87 -13.43 -34.43 10.61
CA VAL A 87 -12.24 -33.81 11.19
C VAL A 87 -12.05 -32.39 10.68
N ILE A 88 -11.65 -31.52 11.60
CA ILE A 88 -11.02 -30.24 11.29
C ILE A 88 -9.55 -30.46 11.57
N VAL A 89 -8.73 -30.30 10.54
CA VAL A 89 -7.30 -30.53 10.64
C VAL A 89 -6.63 -29.16 10.76
N ASP A 90 -5.94 -28.94 11.88
CA ASP A 90 -5.20 -27.69 12.10
C ASP A 90 -3.81 -27.84 11.50
N THR A 91 -3.56 -27.14 10.40
CA THR A 91 -2.30 -27.30 9.72
C THR A 91 -1.97 -26.05 8.90
N HIS A 92 -1.06 -26.21 7.94
CA HIS A 92 -0.44 -25.07 7.27
C HIS A 92 -0.48 -25.22 5.77
N SER A 93 -0.94 -24.17 5.10
CA SER A 93 -0.83 -24.12 3.65
C SER A 93 0.61 -24.23 3.19
N THR A 94 1.52 -23.44 3.80
CA THR A 94 2.95 -23.55 3.61
C THR A 94 3.62 -23.39 4.96
N VAL A 95 4.71 -24.10 5.15
CA VAL A 95 5.52 -24.02 6.34
C VAL A 95 6.78 -23.26 5.99
N LYS A 96 7.17 -22.32 6.86
CA LYS A 96 8.38 -21.55 6.64
C LYS A 96 9.54 -22.37 7.14
N THR A 97 10.41 -22.81 6.23
CA THR A 97 11.63 -23.54 6.56
C THR A 97 12.85 -22.73 6.10
N PRO A 98 14.03 -23.03 6.65
CA PRO A 98 15.23 -22.31 6.21
C PRO A 98 15.49 -22.30 4.71
N LYS A 99 15.06 -23.32 3.96
CA LYS A 99 15.29 -23.38 2.52
C LYS A 99 14.07 -22.97 1.72
N GLY A 100 13.09 -22.32 2.36
CA GLY A 100 11.96 -21.72 1.68
C GLY A 100 10.64 -22.19 2.22
N TYR A 101 9.56 -21.68 1.59
CA TYR A 101 8.20 -22.15 1.89
C TYR A 101 7.98 -23.59 1.39
N LEU A 102 7.45 -24.43 2.27
CA LEU A 102 7.15 -25.81 1.93
C LEU A 102 5.64 -25.99 1.96
N ALA A 103 5.09 -26.41 0.83
CA ALA A 103 3.67 -26.71 0.75
C ALA A 103 3.30 -27.71 1.82
N GLY A 104 2.27 -27.41 2.59
CA GLY A 104 1.80 -28.33 3.62
C GLY A 104 0.92 -29.47 3.10
N LEU A 105 0.24 -29.27 1.97
CA LEU A 105 -0.54 -30.32 1.32
C LEU A 105 -0.03 -30.49 -0.12
N PRO A 106 1.21 -30.93 -0.30
CA PRO A 106 1.65 -31.29 -1.65
C PRO A 106 0.70 -32.33 -2.26
N ILE A 107 0.69 -32.37 -3.59
CA ILE A 107 -0.37 -33.06 -4.31
C ILE A 107 -0.56 -34.52 -3.84
N TRP A 108 0.50 -35.21 -3.40
CA TRP A 108 0.26 -36.57 -2.89
C TRP A 108 -0.45 -36.55 -1.53
N VAL A 109 -0.08 -35.63 -0.63
CA VAL A 109 -0.81 -35.49 0.64
C VAL A 109 -2.22 -34.94 0.39
N LEU A 110 -2.34 -33.99 -0.55
CA LEU A 110 -3.64 -33.38 -0.81
C LEU A 110 -4.66 -34.41 -1.25
N GLU A 111 -4.28 -35.35 -2.13
CA GLU A 111 -5.23 -36.35 -2.63
C GLU A 111 -5.56 -37.42 -1.58
N GLU A 112 -4.64 -37.64 -0.63
CA GLU A 112 -4.91 -38.60 0.45
C GLU A 112 -5.92 -38.02 1.45
N LEU A 113 -5.89 -36.69 1.68
CA LEU A 113 -6.85 -36.00 2.55
C LEU A 113 -8.14 -35.62 1.84
N ASN A 114 -8.02 -35.19 0.57
CA ASN A 114 -9.13 -34.76 -0.27
C ASN A 114 -10.07 -33.85 0.50
N PRO A 115 -9.59 -32.71 0.97
CA PRO A 115 -10.44 -31.87 1.81
C PRO A 115 -11.57 -31.27 1.00
N ASP A 116 -12.72 -31.05 1.67
CA ASP A 116 -13.85 -30.39 1.03
C ASP A 116 -13.75 -28.87 1.01
N ILE A 117 -13.21 -28.29 2.10
CA ILE A 117 -13.09 -26.86 2.32
C ILE A 117 -11.73 -26.58 2.92
N ILE A 118 -11.04 -25.56 2.42
CA ILE A 118 -9.75 -25.14 2.95
C ILE A 118 -9.93 -23.75 3.54
N VAL A 119 -9.78 -23.64 4.84
CA VAL A 119 -10.05 -22.39 5.55
C VAL A 119 -8.72 -21.68 5.74
N ILE A 120 -8.72 -20.38 5.43
CA ILE A 120 -7.58 -19.50 5.68
C ILE A 120 -7.96 -18.47 6.75
N VAL A 121 -7.27 -18.56 7.90
CA VAL A 121 -7.46 -17.63 9.01
C VAL A 121 -6.37 -16.59 8.90
N GLU A 122 -6.74 -15.32 8.85
CA GLU A 122 -5.79 -14.25 8.65
C GLU A 122 -6.08 -13.11 9.64
N THR A 123 -5.04 -12.30 9.87
CA THR A 123 -5.19 -10.95 10.43
C THR A 123 -4.01 -10.11 9.95
N SER A 124 -3.88 -8.91 10.47
CA SER A 124 -2.79 -8.03 10.07
C SER A 124 -1.46 -8.59 10.53
N SER A 125 -0.41 -8.31 9.77
CA SER A 125 0.90 -8.79 10.20
C SER A 125 1.27 -8.20 11.56
N ASP A 126 0.81 -7.00 11.86
CA ASP A 126 0.96 -6.41 13.19
C ASP A 126 0.47 -7.33 14.31
N GLU A 127 -0.80 -7.68 14.29
CA GLU A 127 -1.39 -8.41 15.41
C GLU A 127 -0.75 -9.78 15.60
N ILE A 128 -0.30 -10.40 14.53
CA ILE A 128 0.36 -11.70 14.65
C ILE A 128 1.65 -11.57 15.46
N LEU A 129 2.55 -10.68 15.03
CA LEU A 129 3.83 -10.50 15.69
C LEU A 129 3.65 -10.20 17.17
N MET A 130 2.69 -9.33 17.51
CA MET A 130 2.46 -8.99 18.91
C MET A 130 2.03 -10.22 19.71
N ARG A 131 1.25 -11.10 19.10
CA ARG A 131 0.87 -12.36 19.74
C ARG A 131 2.08 -13.28 19.94
N ARG A 132 2.97 -13.33 18.96
CA ARG A 132 4.16 -14.16 19.08
C ARG A 132 5.04 -13.74 20.24
N LEU A 133 5.14 -12.42 20.50
CA LEU A 133 5.96 -11.91 21.59
C LEU A 133 5.31 -12.07 22.96
N GLY A 134 3.99 -12.21 23.02
CA GLY A 134 3.29 -12.41 24.26
C GLY A 134 3.35 -13.81 24.81
N ASP A 135 3.96 -14.73 24.06
CA ASP A 135 3.98 -16.15 24.36
C ASP A 135 5.41 -16.67 24.43
N ALA A 136 5.93 -16.85 25.66
CA ALA A 136 7.17 -17.57 25.91
C ALA A 136 6.92 -19.06 26.20
N THR A 137 5.77 -19.58 25.78
CA THR A 137 5.40 -21.00 25.89
C THR A 137 5.85 -21.67 24.59
N ARG A 138 5.11 -21.51 23.51
CA ARG A 138 5.59 -21.92 22.19
C ARG A 138 6.48 -20.78 21.65
N ASN A 139 7.80 -21.01 21.55
CA ASN A 139 8.73 -20.01 21.00
C ASN A 139 8.69 -20.05 19.47
N ARG A 140 8.30 -18.94 18.84
CA ARG A 140 8.01 -18.87 17.41
C ARG A 140 8.95 -17.92 16.69
N ASP A 141 8.93 -17.99 15.34
CA ASP A 141 9.68 -17.07 14.50
C ASP A 141 9.29 -15.62 14.83
N ILE A 142 10.22 -14.88 15.45
CA ILE A 142 10.12 -13.42 15.62
C ILE A 142 10.78 -12.77 14.41
N GLU A 143 9.99 -12.57 13.35
CA GLU A 143 10.42 -11.98 12.08
C GLU A 143 9.77 -10.61 11.86
N LEU A 144 10.25 -9.92 10.84
CA LEU A 144 9.63 -8.67 10.45
C LEU A 144 8.14 -8.89 10.17
N THR A 145 7.35 -7.83 10.32
CA THR A 145 5.95 -7.96 9.94
C THR A 145 5.81 -8.20 8.44
N SER A 146 6.76 -7.72 7.64
CA SER A 146 6.62 -7.96 6.21
C SER A 146 6.99 -9.39 5.80
N ASP A 147 7.90 -10.05 6.53
CA ASP A 147 8.11 -11.48 6.31
C ASP A 147 6.84 -12.23 6.67
N ILE A 148 6.12 -11.77 7.71
CA ILE A 148 4.84 -12.37 8.05
C ILE A 148 3.81 -12.15 6.93
N ASP A 149 3.82 -10.96 6.31
CA ASP A 149 2.93 -10.68 5.20
C ASP A 149 3.29 -11.53 4.00
N GLU A 150 4.60 -11.70 3.77
CA GLU A 150 5.09 -12.58 2.71
C GLU A 150 4.53 -13.97 2.87
N HIS A 151 4.51 -14.46 4.11
CA HIS A 151 4.02 -15.80 4.35
C HIS A 151 2.54 -15.91 4.00
N GLN A 152 1.72 -15.00 4.51
CA GLN A 152 0.29 -15.00 4.20
C GLN A 152 0.03 -14.84 2.71
N PHE A 153 0.88 -14.12 2.01
CA PHE A 153 0.75 -14.04 0.55
C PHE A 153 0.92 -15.41 -0.05
N MET A 154 2.05 -16.09 0.26
CA MET A 154 2.30 -17.42 -0.32
C MET A 154 1.32 -18.47 0.17
N ASN A 155 0.78 -18.34 1.39
CA ASN A 155 -0.24 -19.29 1.82
C ASN A 155 -1.48 -19.20 0.92
N ARG A 156 -1.85 -17.98 0.51
CA ARG A 156 -2.97 -17.85 -0.41
C ARG A 156 -2.66 -18.52 -1.73
N CYS A 157 -1.43 -18.41 -2.24
CA CYS A 157 -1.12 -19.00 -3.53
C CYS A 157 -1.29 -20.52 -3.50
N ALA A 158 -0.64 -21.17 -2.52
CA ALA A 158 -0.75 -22.61 -2.38
C ALA A 158 -2.22 -23.04 -2.22
N ALA A 159 -2.97 -22.31 -1.37
CA ALA A 159 -4.37 -22.72 -1.11
C ALA A 159 -5.20 -22.65 -2.38
N MET A 160 -5.03 -21.60 -3.19
CA MET A 160 -5.83 -21.56 -4.40
C MET A 160 -5.38 -22.66 -5.36
N ALA A 161 -4.10 -23.05 -5.31
CA ALA A 161 -3.64 -24.18 -6.12
C ALA A 161 -4.30 -25.47 -5.66
N TYR A 162 -4.36 -25.70 -4.36
CA TYR A 162 -5.13 -26.82 -3.83
C TYR A 162 -6.53 -26.83 -4.39
N GLY A 163 -7.18 -25.64 -4.39
CA GLY A 163 -8.54 -25.58 -4.88
C GLY A 163 -8.68 -25.88 -6.35
N VAL A 164 -7.68 -25.51 -7.15
CA VAL A 164 -7.67 -25.84 -8.57
C VAL A 164 -7.49 -27.35 -8.76
N LEU A 165 -6.69 -27.98 -7.89
CA LEU A 165 -6.38 -29.40 -8.06
C LEU A 165 -7.53 -30.27 -7.56
N THR A 166 -8.24 -29.87 -6.47
CA THR A 166 -9.26 -30.75 -5.90
C THR A 166 -10.69 -30.22 -6.03
N GLY A 167 -10.89 -28.97 -6.39
CA GLY A 167 -12.23 -28.46 -6.38
C GLY A 167 -12.71 -28.05 -5.01
N ALA A 168 -11.85 -28.06 -4.00
CA ALA A 168 -12.26 -27.60 -2.70
C ALA A 168 -12.45 -26.09 -2.73
N THR A 169 -13.43 -25.62 -1.96
CA THR A 169 -13.59 -24.18 -1.82
C THR A 169 -12.54 -23.68 -0.84
N VAL A 170 -12.09 -22.44 -1.05
CA VAL A 170 -11.05 -21.80 -0.24
C VAL A 170 -11.68 -20.62 0.48
N LYS A 171 -11.83 -20.74 1.79
CA LYS A 171 -12.52 -19.74 2.60
C LYS A 171 -11.52 -18.94 3.42
N ILE A 172 -11.60 -17.61 3.35
CA ILE A 172 -10.78 -16.70 4.14
C ILE A 172 -11.60 -16.15 5.29
N ILE A 173 -11.09 -16.30 6.50
CA ILE A 173 -11.72 -15.80 7.71
C ILE A 173 -10.73 -14.89 8.43
N LYS A 174 -11.18 -13.69 8.77
CA LYS A 174 -10.35 -12.78 9.55
C LYS A 174 -10.58 -13.10 11.02
N ASN A 175 -9.48 -13.28 11.74
CA ASN A 175 -9.49 -13.54 13.18
C ASN A 175 -8.75 -12.41 13.86
N ARG A 176 -9.45 -11.29 14.05
CA ARG A 176 -8.86 -10.03 14.48
C ARG A 176 -8.98 -9.88 15.99
N ASP A 177 -7.97 -9.21 16.56
CA ASP A 177 -7.95 -8.89 17.98
C ASP A 177 -9.26 -8.24 18.42
N GLY A 178 -9.79 -8.70 19.56
CA GLY A 178 -11.04 -8.17 20.06
C GLY A 178 -12.24 -8.74 19.37
N LEU A 179 -12.04 -9.48 18.29
CA LEU A 179 -13.12 -9.96 17.44
C LEU A 179 -12.92 -11.44 17.15
N LEU A 180 -12.38 -12.20 18.11
CA LEU A 180 -12.40 -13.64 17.96
C LEU A 180 -13.83 -14.12 17.82
N ASP A 181 -14.74 -13.54 18.62
CA ASP A 181 -16.15 -13.92 18.56
C ASP A 181 -16.67 -13.90 17.12
N LYS A 182 -16.42 -12.83 16.39
CA LYS A 182 -16.97 -12.67 15.05
C LYS A 182 -16.40 -13.70 14.07
N ALA A 183 -15.15 -14.10 14.27
CA ALA A 183 -14.55 -15.09 13.38
C ALA A 183 -15.17 -16.47 13.58
N VAL A 184 -15.58 -16.77 14.81
CA VAL A 184 -16.20 -18.06 15.03
C VAL A 184 -17.55 -18.10 14.33
N GLU A 185 -18.35 -17.01 14.43
CA GLU A 185 -19.66 -17.01 13.77
C GLU A 185 -19.50 -17.25 12.27
N GLU A 186 -18.47 -16.66 11.66
CA GLU A 186 -18.26 -16.92 10.25
C GLU A 186 -17.97 -18.40 9.99
N LEU A 187 -17.06 -19.02 10.78
CA LEU A 187 -16.72 -20.43 10.56
C LEU A 187 -17.89 -21.39 10.86
N ILE A 188 -18.59 -21.19 11.98
CA ILE A 188 -19.73 -22.06 12.32
C ILE A 188 -20.73 -22.09 11.18
N SER A 189 -21.07 -20.92 10.66
CA SER A 189 -21.96 -20.79 9.52
C SER A 189 -21.44 -21.55 8.31
N VAL A 190 -20.13 -21.60 8.12
CA VAL A 190 -19.60 -22.25 6.93
C VAL A 190 -19.82 -23.75 6.97
N LEU A 191 -19.87 -24.34 8.16
CA LEU A 191 -19.94 -25.79 8.32
C LEU A 191 -21.38 -26.27 8.36
N LYS A 192 -22.21 -25.73 7.47
CA LYS A 192 -23.62 -26.13 7.33
C LYS A 192 -24.10 -26.06 5.87
N LYS B 2 21.12 -37.37 -5.32
CA LYS B 2 22.39 -36.90 -5.90
C LYS B 2 22.22 -35.92 -7.07
N ASN B 3 23.19 -34.99 -7.15
CA ASN B 3 23.24 -33.90 -8.12
C ASN B 3 22.01 -33.06 -7.89
N LYS B 4 22.26 -31.91 -7.29
CA LYS B 4 21.27 -30.93 -6.88
C LYS B 4 20.94 -30.03 -8.05
N VAL B 5 19.66 -29.64 -8.14
CA VAL B 5 19.13 -28.82 -9.21
C VAL B 5 18.44 -27.63 -8.52
N VAL B 6 19.05 -26.45 -8.62
CA VAL B 6 18.51 -25.23 -8.01
C VAL B 6 18.11 -24.31 -9.15
N VAL B 7 16.90 -23.78 -9.07
CA VAL B 7 16.38 -22.82 -10.04
C VAL B 7 16.38 -21.44 -9.40
N VAL B 8 16.95 -20.46 -10.10
CA VAL B 8 17.02 -19.06 -9.66
C VAL B 8 16.20 -18.22 -10.61
N THR B 9 15.21 -17.48 -10.08
CA THR B 9 14.25 -16.71 -10.89
C THR B 9 14.14 -15.27 -10.40
N GLY B 10 13.57 -14.41 -11.24
CA GLY B 10 13.38 -12.98 -10.98
C GLY B 10 13.02 -12.15 -12.23
N VAL B 11 12.33 -11.02 -12.10
CA VAL B 11 12.01 -10.34 -13.35
C VAL B 11 13.32 -9.81 -13.92
N PRO B 12 13.42 -9.54 -15.22
CA PRO B 12 14.66 -8.96 -15.73
C PRO B 12 15.00 -7.69 -14.97
N GLY B 13 16.28 -7.57 -14.63
CA GLY B 13 16.79 -6.46 -13.89
C GLY B 13 16.96 -6.72 -12.41
N VAL B 14 16.35 -7.78 -11.86
CA VAL B 14 16.45 -7.98 -10.41
C VAL B 14 17.82 -8.56 -10.02
N GLY B 15 18.56 -9.10 -10.98
CA GLY B 15 19.95 -9.44 -10.75
C GLY B 15 20.20 -10.88 -10.34
N GLY B 16 19.32 -11.80 -10.72
CA GLY B 16 19.51 -13.19 -10.33
C GLY B 16 20.80 -13.74 -10.90
N THR B 17 21.20 -13.27 -12.08
CA THR B 17 22.43 -13.71 -12.70
C THR B 17 23.63 -13.32 -11.85
N THR B 18 23.71 -12.04 -11.43
CA THR B 18 24.84 -11.58 -10.62
C THR B 18 24.88 -12.34 -9.31
N LEU B 19 23.74 -12.54 -8.67
CA LEU B 19 23.66 -13.35 -7.46
C LEU B 19 24.18 -14.77 -7.69
N THR B 20 23.73 -15.42 -8.77
CA THR B 20 24.18 -16.77 -9.01
C THR B 20 25.67 -16.81 -9.18
N GLN B 21 26.20 -15.91 -9.99
CA GLN B 21 27.64 -15.94 -10.24
C GLN B 21 28.46 -15.65 -8.97
N LYS B 22 28.07 -14.63 -8.18
CA LYS B 22 28.89 -14.34 -6.99
C LYS B 22 28.80 -15.48 -5.98
N THR B 23 27.63 -16.12 -5.88
CA THR B 23 27.46 -17.24 -4.96
C THR B 23 28.30 -18.45 -5.40
N ILE B 24 28.31 -18.73 -6.70
CA ILE B 24 29.07 -19.86 -7.21
C ILE B 24 30.58 -19.67 -7.00
N GLU B 25 31.07 -18.46 -7.22
CA GLU B 25 32.52 -18.34 -7.06
C GLU B 25 32.90 -18.47 -5.59
N LYS B 26 32.00 -18.03 -4.70
CA LYS B 26 32.19 -18.14 -3.26
C LYS B 26 31.90 -19.55 -2.77
N LEU B 27 31.01 -20.30 -3.43
CA LEU B 27 30.88 -21.71 -3.08
C LEU B 27 32.16 -22.48 -3.39
N LYS B 28 32.83 -22.16 -4.52
CA LYS B 28 34.07 -22.84 -4.87
C LYS B 28 35.22 -22.53 -3.94
N GLU B 29 35.12 -21.51 -3.10
CA GLU B 29 36.21 -21.30 -2.14
C GLU B 29 36.25 -22.41 -1.10
N GLU B 30 35.13 -23.09 -0.87
CA GLU B 30 35.01 -24.25 -0.02
C GLU B 30 34.88 -25.58 -0.78
N GLY B 31 35.04 -25.58 -2.11
CA GLY B 31 34.96 -26.82 -2.87
C GLY B 31 33.55 -27.33 -3.11
N ILE B 32 32.56 -26.45 -3.19
CA ILE B 32 31.18 -26.78 -3.53
C ILE B 32 31.00 -26.26 -4.93
N GLU B 33 30.94 -27.17 -5.88
CA GLU B 33 30.99 -26.85 -7.30
C GLU B 33 29.55 -26.80 -7.79
N TYR B 34 29.16 -25.69 -8.34
CA TYR B 34 27.85 -25.58 -8.98
C TYR B 34 28.11 -25.03 -10.37
N LYS B 35 27.41 -25.57 -11.37
CA LYS B 35 27.54 -25.11 -12.73
C LYS B 35 26.35 -24.23 -13.00
N MET B 36 26.59 -23.03 -13.51
CA MET B 36 25.51 -22.10 -13.83
C MET B 36 24.99 -22.45 -15.22
N VAL B 37 23.68 -22.51 -15.36
CA VAL B 37 23.04 -22.75 -16.64
C VAL B 37 22.02 -21.63 -16.81
N ASN B 38 22.11 -20.87 -17.91
CA ASN B 38 21.10 -19.87 -18.24
C ASN B 38 20.13 -20.47 -19.26
N PHE B 39 18.87 -20.68 -18.83
CA PHE B 39 17.84 -21.31 -19.64
C PHE B 39 17.57 -20.54 -20.93
N GLY B 40 17.61 -19.23 -20.85
CA GLY B 40 17.42 -18.44 -22.05
C GLY B 40 18.52 -18.66 -23.07
N THR B 41 19.73 -19.00 -22.60
CA THR B 41 20.83 -19.29 -23.53
C THR B 41 20.69 -20.66 -24.17
N VAL B 42 20.20 -21.64 -23.40
CA VAL B 42 19.91 -22.94 -24.00
C VAL B 42 18.87 -22.75 -25.10
N MET B 43 17.82 -21.97 -24.78
CA MET B 43 16.77 -21.67 -25.74
C MET B 43 17.30 -20.83 -26.90
N PHE B 44 18.09 -19.81 -26.61
CA PHE B 44 18.55 -18.87 -27.64
C PHE B 44 19.45 -19.50 -28.69
N GLU B 45 20.04 -20.65 -28.41
CA GLU B 45 20.88 -21.33 -29.38
C GLU B 45 20.04 -22.14 -30.36
N VAL B 46 18.94 -22.72 -29.87
CA VAL B 46 18.03 -23.45 -30.75
C VAL B 46 17.29 -22.48 -31.66
N ALA B 47 16.90 -21.30 -31.11
CA ALA B 47 16.18 -20.28 -31.87
C ALA B 47 17.09 -19.71 -32.95
N LYS B 48 18.29 -19.27 -32.55
CA LYS B 48 19.28 -18.79 -33.51
C LYS B 48 19.67 -19.87 -34.55
N GLU B 49 19.51 -21.17 -34.25
CA GLU B 49 19.69 -22.19 -35.30
C GLU B 49 18.59 -22.14 -36.36
N GLU B 50 17.38 -21.76 -35.96
CA GLU B 50 16.20 -21.86 -36.81
C GLU B 50 15.81 -20.54 -37.45
N GLY B 51 16.50 -19.45 -37.12
CA GLY B 51 16.33 -18.18 -37.80
C GLY B 51 15.28 -17.30 -37.16
N LEU B 52 14.70 -17.73 -36.06
CA LEU B 52 13.59 -17.03 -35.46
C LEU B 52 14.03 -15.75 -34.76
N VAL B 53 15.32 -15.63 -34.43
CA VAL B 53 15.76 -14.49 -33.63
C VAL B 53 17.19 -14.17 -34.01
N GLU B 54 17.49 -12.86 -34.06
CA GLU B 54 18.88 -12.41 -34.07
C GLU B 54 19.48 -12.46 -32.66
N ASP B 55 18.78 -11.91 -31.68
CA ASP B 55 19.24 -11.85 -30.29
C ASP B 55 18.16 -12.37 -29.36
N ARG B 56 18.46 -12.35 -28.07
CA ARG B 56 17.64 -13.09 -27.13
C ARG B 56 16.46 -12.32 -26.63
N ASP B 57 16.43 -11.00 -26.82
CA ASP B 57 15.25 -10.23 -26.43
C ASP B 57 14.10 -10.45 -27.40
N GLN B 58 14.35 -11.06 -28.55
CA GLN B 58 13.32 -11.41 -29.52
C GLN B 58 12.54 -12.67 -29.17
N MET B 59 12.85 -13.35 -28.06
CA MET B 59 12.23 -14.66 -27.85
C MET B 59 10.89 -14.57 -27.13
N ARG B 60 10.74 -13.68 -26.15
CA ARG B 60 9.45 -13.52 -25.49
C ARG B 60 8.38 -12.95 -26.40
N LYS B 61 8.77 -12.46 -27.58
CA LYS B 61 7.82 -11.89 -28.53
C LYS B 61 7.35 -12.90 -29.57
N LEU B 62 7.99 -14.08 -29.66
CA LEU B 62 7.54 -15.05 -30.65
C LEU B 62 6.18 -15.62 -30.21
N ASP B 63 5.44 -16.15 -31.19
CA ASP B 63 4.25 -16.96 -30.93
C ASP B 63 4.48 -17.86 -29.73
N PRO B 64 3.58 -17.92 -28.75
CA PRO B 64 3.87 -18.78 -27.56
C PRO B 64 3.97 -20.30 -27.86
N ASP B 65 3.44 -20.82 -28.98
CA ASP B 65 3.62 -22.27 -29.22
C ASP B 65 5.04 -22.54 -29.71
N THR B 66 5.67 -21.56 -30.34
CA THR B 66 7.09 -21.70 -30.63
C THR B 66 7.91 -21.57 -29.35
N GLN B 67 7.51 -20.68 -28.45
CA GLN B 67 8.22 -20.55 -27.18
C GLN B 67 8.18 -21.86 -26.42
N LYS B 68 6.98 -22.40 -26.21
CA LYS B 68 6.81 -23.67 -25.48
C LYS B 68 7.59 -24.82 -26.11
N ARG B 69 7.75 -24.80 -27.44
CA ARG B 69 8.45 -25.88 -28.15
C ARG B 69 9.94 -25.89 -27.86
N ILE B 70 10.53 -24.71 -27.79
CA ILE B 70 11.95 -24.60 -27.50
C ILE B 70 12.20 -24.70 -26.01
N GLN B 71 11.27 -24.18 -25.21
CA GLN B 71 11.38 -24.33 -23.76
C GLN B 71 11.49 -25.80 -23.37
N LYS B 72 10.71 -26.67 -24.05
CA LYS B 72 10.66 -28.08 -23.67
C LYS B 72 11.97 -28.76 -24.02
N LEU B 73 12.48 -28.49 -25.22
CA LEU B 73 13.82 -28.91 -25.59
C LEU B 73 14.86 -28.48 -24.56
N ALA B 74 14.86 -27.21 -24.18
CA ALA B 74 15.91 -26.73 -23.30
C ALA B 74 15.82 -27.42 -21.95
N GLY B 75 14.60 -27.62 -21.44
CA GLY B 75 14.44 -28.35 -20.21
C GLY B 75 15.01 -29.76 -20.31
N ARG B 76 14.76 -30.43 -21.42
CA ARG B 76 15.36 -31.75 -21.55
C ARG B 76 16.90 -31.62 -21.56
N LYS B 77 17.44 -30.73 -22.38
CA LYS B 77 18.88 -30.49 -22.45
C LYS B 77 19.48 -30.21 -21.06
N ILE B 78 18.84 -29.32 -20.29
CA ILE B 78 19.40 -28.94 -19.00
C ILE B 78 19.31 -30.10 -18.01
N ALA B 79 18.18 -30.82 -18.02
CA ALA B 79 18.07 -32.06 -17.24
C ALA B 79 19.23 -32.99 -17.50
N GLU B 80 19.72 -33.02 -18.75
CA GLU B 80 20.88 -33.86 -19.05
C GLU B 80 22.14 -33.28 -18.40
N MET B 81 22.28 -31.96 -18.43
CA MET B 81 23.42 -31.31 -17.80
C MET B 81 23.42 -31.65 -16.32
N ALA B 82 22.25 -31.78 -15.70
CA ALA B 82 22.20 -32.07 -14.27
C ALA B 82 22.69 -33.47 -13.94
N LYS B 83 22.69 -34.40 -14.91
CA LYS B 83 23.25 -35.72 -14.68
C LYS B 83 24.76 -35.66 -14.47
N GLU B 84 25.41 -34.61 -14.97
CA GLU B 84 26.87 -34.53 -14.89
C GLU B 84 27.39 -33.73 -13.70
N SER B 85 26.68 -32.70 -13.28
CA SER B 85 27.13 -31.84 -12.21
C SER B 85 25.92 -31.19 -11.55
N ASN B 86 26.12 -30.62 -10.37
CA ASN B 86 25.13 -29.73 -9.79
C ASN B 86 24.97 -28.52 -10.69
N VAL B 87 23.73 -28.03 -10.81
CA VAL B 87 23.45 -26.88 -11.64
C VAL B 87 22.62 -25.87 -10.87
N ILE B 88 22.90 -24.59 -11.09
CA ILE B 88 21.98 -23.50 -10.75
C ILE B 88 21.45 -23.01 -12.09
N VAL B 89 20.14 -23.09 -12.26
CA VAL B 89 19.47 -22.73 -13.49
C VAL B 89 18.85 -21.34 -13.27
N ASP B 90 19.33 -20.39 -14.07
CA ASP B 90 18.85 -19.01 -14.07
C ASP B 90 17.72 -18.92 -15.07
N THR B 91 16.50 -18.68 -14.60
CA THR B 91 15.38 -18.68 -15.51
C THR B 91 14.20 -17.96 -14.84
N HIS B 92 12.99 -18.22 -15.31
CA HIS B 92 11.85 -17.38 -14.94
C HIS B 92 10.69 -18.18 -14.42
N SER B 93 10.12 -17.73 -13.31
CA SER B 93 8.85 -18.27 -12.87
C SER B 93 7.80 -18.04 -13.95
N THR B 94 7.70 -16.79 -14.46
CA THR B 94 6.91 -16.59 -15.68
C THR B 94 7.66 -15.63 -16.61
N VAL B 95 7.43 -15.79 -17.90
CA VAL B 95 7.96 -14.90 -18.93
C VAL B 95 6.81 -14.02 -19.38
N LYS B 96 7.07 -12.72 -19.50
CA LYS B 96 6.07 -11.79 -19.97
C LYS B 96 6.07 -11.81 -21.47
N THR B 97 4.97 -12.22 -22.06
CA THR B 97 4.82 -12.16 -23.50
C THR B 97 3.67 -11.24 -23.85
N PRO B 98 3.63 -10.74 -25.07
CA PRO B 98 2.52 -9.91 -25.53
C PRO B 98 1.14 -10.53 -25.35
N LYS B 99 1.06 -11.85 -25.34
CA LYS B 99 -0.17 -12.60 -25.14
C LYS B 99 -0.34 -13.05 -23.70
N GLY B 100 0.48 -12.55 -22.78
CA GLY B 100 0.34 -12.75 -21.35
C GLY B 100 1.62 -13.33 -20.74
N TYR B 101 1.54 -13.66 -19.44
CA TYR B 101 2.59 -14.39 -18.76
C TYR B 101 2.58 -15.84 -19.18
N LEU B 102 3.76 -16.37 -19.50
CA LEU B 102 3.96 -17.76 -19.87
C LEU B 102 4.74 -18.38 -18.74
N ALA B 103 4.20 -19.44 -18.14
CA ALA B 103 4.93 -20.15 -17.09
C ALA B 103 6.24 -20.64 -17.69
N GLY B 104 7.35 -20.40 -16.96
CA GLY B 104 8.65 -20.79 -17.46
C GLY B 104 8.92 -22.25 -17.20
N LEU B 105 8.29 -22.82 -16.18
CA LEU B 105 8.33 -24.25 -15.89
C LEU B 105 6.92 -24.86 -15.87
N PRO B 106 6.27 -24.92 -17.02
CA PRO B 106 5.00 -25.64 -17.11
C PRO B 106 5.11 -27.07 -16.60
N ILE B 107 4.01 -27.70 -16.17
CA ILE B 107 4.15 -28.92 -15.36
C ILE B 107 5.06 -29.98 -16.05
N TRP B 108 5.01 -30.12 -17.39
CA TRP B 108 5.87 -31.13 -18.02
C TRP B 108 7.34 -30.73 -17.98
N VAL B 109 7.64 -29.43 -18.13
CA VAL B 109 9.02 -28.99 -17.99
C VAL B 109 9.43 -29.09 -16.54
N LEU B 110 8.54 -28.70 -15.63
CA LEU B 110 8.81 -28.79 -14.20
C LEU B 110 9.18 -30.21 -13.79
N GLU B 111 8.45 -31.20 -14.33
CA GLU B 111 8.69 -32.60 -13.98
C GLU B 111 10.01 -33.11 -14.54
N GLU B 112 10.48 -32.54 -15.65
CA GLU B 112 11.73 -32.96 -16.28
C GLU B 112 12.98 -32.43 -15.54
N LEU B 113 12.93 -31.25 -14.96
CA LEU B 113 14.01 -30.69 -14.18
C LEU B 113 13.98 -31.13 -12.72
N ASN B 114 12.79 -31.29 -12.16
CA ASN B 114 12.58 -31.69 -10.78
C ASN B 114 13.53 -30.89 -9.86
N PRO B 115 13.39 -29.57 -9.82
CA PRO B 115 14.30 -28.78 -8.99
C PRO B 115 14.06 -29.09 -7.52
N ASP B 116 15.15 -28.95 -6.73
CA ASP B 116 15.06 -29.12 -5.28
C ASP B 116 14.57 -27.85 -4.59
N ILE B 117 15.02 -26.72 -5.08
CA ILE B 117 14.77 -25.42 -4.48
C ILE B 117 14.46 -24.53 -5.66
N ILE B 118 13.43 -23.70 -5.51
CA ILE B 118 13.09 -22.65 -6.44
C ILE B 118 13.28 -21.32 -5.71
N VAL B 119 14.21 -20.51 -6.19
CA VAL B 119 14.57 -19.27 -5.55
C VAL B 119 13.90 -18.15 -6.31
N ILE B 120 13.28 -17.23 -5.58
CA ILE B 120 12.71 -16.00 -6.14
C ILE B 120 13.57 -14.84 -5.64
N VAL B 121 14.24 -14.15 -6.56
CA VAL B 121 15.04 -12.97 -6.28
C VAL B 121 14.14 -11.78 -6.56
N GLU B 122 13.94 -10.95 -5.54
CA GLU B 122 13.07 -9.80 -5.58
C GLU B 122 13.75 -8.56 -5.05
N THR B 123 13.25 -7.43 -5.53
CA THR B 123 13.44 -6.11 -4.88
C THR B 123 12.30 -5.20 -5.35
N SER B 124 12.36 -3.93 -4.94
CA SER B 124 11.33 -2.96 -5.26
C SER B 124 11.37 -2.62 -6.74
N SER B 125 10.18 -2.37 -7.30
CA SER B 125 10.08 -2.14 -8.73
C SER B 125 10.82 -0.88 -9.15
N ASP B 126 10.90 0.08 -8.24
CA ASP B 126 11.77 1.24 -8.36
C ASP B 126 13.19 0.89 -8.79
N GLU B 127 13.83 0.09 -7.97
CA GLU B 127 15.21 -0.25 -8.21
C GLU B 127 15.33 -1.04 -9.51
N ILE B 128 14.35 -1.88 -9.83
CA ILE B 128 14.42 -2.67 -11.05
C ILE B 128 14.35 -1.75 -12.26
N LEU B 129 13.33 -0.88 -12.29
CA LEU B 129 13.18 0.03 -13.42
C LEU B 129 14.46 0.83 -13.60
N MET B 130 15.06 1.27 -12.51
CA MET B 130 16.26 2.10 -12.66
C MET B 130 17.42 1.26 -13.19
N ARG B 131 17.58 0.04 -12.70
CA ARG B 131 18.62 -0.81 -13.28
C ARG B 131 18.38 -1.06 -14.76
N ARG B 132 17.10 -1.27 -15.18
CA ARG B 132 16.81 -1.50 -16.60
C ARG B 132 17.20 -0.30 -17.44
N LEU B 133 17.00 0.91 -16.91
CA LEU B 133 17.30 2.12 -17.66
C LEU B 133 18.78 2.43 -17.76
N GLY B 134 19.60 1.93 -16.83
CA GLY B 134 21.04 2.13 -16.90
C GLY B 134 21.82 1.21 -17.84
N ASP B 135 21.15 0.25 -18.51
CA ASP B 135 21.79 -0.76 -19.38
C ASP B 135 21.22 -0.60 -20.80
N ALA B 136 21.96 0.13 -21.64
CA ALA B 136 21.66 0.26 -23.07
C ALA B 136 22.32 -0.84 -23.88
N THR B 137 22.60 -1.97 -23.21
CA THR B 137 23.11 -3.19 -23.81
C THR B 137 21.94 -4.16 -24.04
N ARG B 138 21.57 -4.94 -23.03
CA ARG B 138 20.38 -5.77 -23.14
C ARG B 138 19.19 -4.81 -23.09
N ASN B 139 18.40 -4.77 -24.16
CA ASN B 139 17.23 -3.89 -24.20
C ASN B 139 16.03 -4.62 -23.64
N ARG B 140 15.60 -4.18 -22.47
CA ARG B 140 14.60 -4.84 -21.65
C ARG B 140 13.34 -3.97 -21.62
N ASP B 141 12.23 -4.58 -21.19
CA ASP B 141 10.99 -3.82 -21.02
C ASP B 141 11.21 -2.65 -20.07
N ILE B 142 11.21 -1.41 -20.57
CA ILE B 142 11.06 -0.24 -19.68
C ILE B 142 9.55 -0.03 -19.56
N GLU B 143 8.97 -0.68 -18.57
CA GLU B 143 7.57 -0.62 -18.22
C GLU B 143 7.40 0.15 -16.92
N LEU B 144 6.17 0.53 -16.68
CA LEU B 144 5.86 1.15 -15.41
C LEU B 144 6.30 0.24 -14.27
N THR B 145 6.52 0.82 -13.11
CA THR B 145 6.79 0.03 -11.92
C THR B 145 5.60 -0.83 -11.49
N SER B 146 4.36 -0.44 -11.78
CA SER B 146 3.27 -1.31 -11.37
C SER B 146 3.16 -2.52 -12.28
N ASP B 147 3.60 -2.37 -13.53
CA ASP B 147 3.75 -3.51 -14.41
C ASP B 147 4.85 -4.46 -13.91
N ILE B 148 5.95 -3.91 -13.39
CA ILE B 148 6.99 -4.72 -12.78
C ILE B 148 6.45 -5.45 -11.55
N ASP B 149 5.65 -4.75 -10.75
CA ASP B 149 5.12 -5.38 -9.55
C ASP B 149 4.17 -6.49 -9.89
N GLU B 150 3.38 -6.30 -10.95
CA GLU B 150 2.46 -7.32 -11.48
C GLU B 150 3.22 -8.57 -11.85
N HIS B 151 4.36 -8.41 -12.51
CA HIS B 151 5.19 -9.54 -12.87
C HIS B 151 5.71 -10.26 -11.61
N GLN B 152 6.27 -9.52 -10.65
CA GLN B 152 6.77 -10.18 -9.43
C GLN B 152 5.61 -10.83 -8.66
N PHE B 153 4.38 -10.31 -8.83
CA PHE B 153 3.18 -10.90 -8.24
C PHE B 153 2.86 -12.24 -8.88
N MET B 154 2.77 -12.27 -10.21
CA MET B 154 2.50 -13.52 -10.93
C MET B 154 3.68 -14.51 -10.83
N ASN B 155 4.90 -14.01 -10.62
CA ASN B 155 6.00 -14.95 -10.40
C ASN B 155 5.82 -15.72 -9.10
N ARG B 156 5.32 -15.07 -8.03
CA ARG B 156 5.13 -15.79 -6.78
C ARG B 156 4.12 -16.88 -6.93
N CYS B 157 3.03 -16.56 -7.64
CA CYS B 157 1.94 -17.47 -7.83
C CYS B 157 2.42 -18.70 -8.58
N ALA B 158 3.05 -18.49 -9.73
CA ALA B 158 3.50 -19.64 -10.51
C ALA B 158 4.47 -20.46 -9.68
N ALA B 159 5.44 -19.79 -9.06
CA ALA B 159 6.47 -20.50 -8.31
C ALA B 159 5.88 -21.33 -7.18
N MET B 160 4.89 -20.81 -6.47
CA MET B 160 4.34 -21.61 -5.38
C MET B 160 3.56 -22.79 -5.92
N ALA B 161 2.99 -22.67 -7.13
CA ALA B 161 2.29 -23.83 -7.68
C ALA B 161 3.33 -24.93 -7.99
N TYR B 162 4.48 -24.53 -8.51
CA TYR B 162 5.61 -25.46 -8.63
C TYR B 162 5.80 -26.24 -7.33
N GLY B 163 5.81 -25.54 -6.20
CA GLY B 163 6.05 -26.23 -4.93
C GLY B 163 4.93 -27.18 -4.56
N VAL B 164 3.68 -26.83 -4.88
CA VAL B 164 2.55 -27.71 -4.59
C VAL B 164 2.67 -28.95 -5.43
N LEU B 165 3.21 -28.82 -6.64
CA LEU B 165 3.22 -29.94 -7.58
C LEU B 165 4.34 -30.94 -7.32
N THR B 166 5.55 -30.47 -6.95
CA THR B 166 6.74 -31.28 -6.76
C THR B 166 7.27 -31.37 -5.33
N GLY B 167 6.85 -30.51 -4.41
CA GLY B 167 7.39 -30.46 -3.06
C GLY B 167 8.66 -29.68 -2.88
N ALA B 168 9.14 -29.01 -3.92
CA ALA B 168 10.29 -28.14 -3.76
C ALA B 168 9.92 -26.98 -2.88
N THR B 169 10.92 -26.52 -2.11
CA THR B 169 10.79 -25.28 -1.35
C THR B 169 10.98 -24.06 -2.24
N VAL B 170 10.32 -22.99 -1.87
CA VAL B 170 10.28 -21.74 -2.63
C VAL B 170 10.86 -20.65 -1.73
N LYS B 171 12.04 -20.17 -2.11
CA LYS B 171 12.82 -19.26 -1.27
C LYS B 171 12.83 -17.88 -1.88
N ILE B 172 12.47 -16.88 -1.08
CA ILE B 172 12.50 -15.50 -1.49
C ILE B 172 13.75 -14.86 -0.87
N ILE B 173 14.58 -14.29 -1.72
CA ILE B 173 15.80 -13.61 -1.30
C ILE B 173 15.75 -12.20 -1.85
N LYS B 174 16.02 -11.20 -1.00
CA LYS B 174 16.10 -9.81 -1.44
C LYS B 174 17.47 -9.44 -1.98
N ASN B 175 17.47 -8.86 -3.18
CA ASN B 175 18.66 -8.33 -3.84
C ASN B 175 18.48 -6.81 -4.05
N ARG B 176 18.74 -6.02 -2.99
CA ARG B 176 18.47 -4.59 -2.96
C ARG B 176 19.68 -3.79 -3.35
N ASP B 177 19.44 -2.66 -4.00
CA ASP B 177 20.54 -1.76 -4.32
C ASP B 177 21.40 -1.61 -3.07
N GLY B 178 22.72 -1.77 -3.25
CA GLY B 178 23.73 -1.68 -2.20
C GLY B 178 23.99 -2.91 -1.34
N LEU B 179 23.23 -3.98 -1.46
CA LEU B 179 23.25 -5.08 -0.50
C LEU B 179 23.30 -6.41 -1.23
N LEU B 180 23.94 -6.43 -2.38
CA LEU B 180 24.13 -7.68 -3.09
C LEU B 180 24.81 -8.68 -2.17
N ASP B 181 25.81 -8.23 -1.44
CA ASP B 181 26.57 -9.12 -0.56
C ASP B 181 25.63 -9.92 0.34
N LYS B 182 24.60 -9.27 0.88
CA LYS B 182 23.63 -9.96 1.74
C LYS B 182 22.79 -10.97 0.99
N ALA B 183 22.51 -10.74 -0.28
CA ALA B 183 21.78 -11.76 -1.02
C ALA B 183 22.65 -13.00 -1.25
N VAL B 184 23.94 -12.78 -1.44
CA VAL B 184 24.89 -13.87 -1.62
C VAL B 184 25.04 -14.64 -0.33
N GLU B 185 25.16 -13.95 0.80
CA GLU B 185 25.25 -14.69 2.05
C GLU B 185 24.02 -15.58 2.23
N GLU B 186 22.82 -15.06 1.91
CA GLU B 186 21.61 -15.86 2.10
C GLU B 186 21.58 -17.04 1.12
N LEU B 187 21.87 -16.81 -0.16
CA LEU B 187 21.82 -17.92 -1.11
C LEU B 187 22.88 -18.97 -0.77
N ILE B 188 24.09 -18.54 -0.41
CA ILE B 188 25.15 -19.47 0.01
C ILE B 188 24.70 -20.29 1.20
N SER B 189 24.17 -19.61 2.22
CA SER B 189 23.68 -20.32 3.41
C SER B 189 22.60 -21.33 3.03
N VAL B 190 21.83 -21.02 1.99
CA VAL B 190 20.72 -21.87 1.62
C VAL B 190 21.20 -23.16 0.99
N LEU B 191 22.36 -23.14 0.33
CA LEU B 191 22.85 -24.33 -0.37
C LEU B 191 23.76 -25.19 0.52
N LYS B 192 23.43 -25.31 1.82
CA LYS B 192 24.18 -26.20 2.74
C LYS B 192 23.36 -26.89 3.83
N LYS C 2 -7.29 -27.33 -33.41
CA LYS C 2 -8.66 -27.24 -34.01
C LYS C 2 -9.22 -26.04 -33.25
N ASN C 3 -9.14 -24.88 -33.91
CA ASN C 3 -9.67 -23.58 -33.50
C ASN C 3 -9.19 -23.15 -32.14
N LYS C 4 -9.44 -21.89 -31.81
CA LYS C 4 -8.95 -21.22 -30.61
C LYS C 4 -9.99 -21.14 -29.49
N VAL C 5 -9.50 -21.23 -28.26
CA VAL C 5 -10.32 -21.12 -27.07
C VAL C 5 -9.67 -20.08 -26.18
N VAL C 6 -10.26 -18.90 -26.10
CA VAL C 6 -9.79 -17.80 -25.28
C VAL C 6 -10.78 -17.67 -24.14
N VAL C 7 -10.30 -17.66 -22.92
CA VAL C 7 -11.15 -17.54 -21.76
C VAL C 7 -11.00 -16.16 -21.18
N VAL C 8 -12.14 -15.51 -20.90
CA VAL C 8 -12.17 -14.17 -20.35
C VAL C 8 -12.80 -14.20 -18.96
N THR C 9 -12.05 -13.74 -17.96
CA THR C 9 -12.43 -13.83 -16.56
C THR C 9 -12.46 -12.43 -15.95
N GLY C 10 -13.10 -12.34 -14.79
CA GLY C 10 -13.23 -11.07 -14.13
C GLY C 10 -14.31 -11.06 -13.08
N VAL C 11 -14.11 -10.26 -12.04
CA VAL C 11 -15.06 -10.23 -10.93
C VAL C 11 -16.33 -9.64 -11.51
N PRO C 12 -17.49 -9.88 -10.93
CA PRO C 12 -18.70 -9.24 -11.42
C PRO C 12 -18.53 -7.74 -11.34
N GLY C 13 -19.08 -7.02 -12.30
CA GLY C 13 -18.97 -5.58 -12.31
C GLY C 13 -17.79 -5.03 -13.10
N VAL C 14 -16.79 -5.86 -13.39
CA VAL C 14 -15.60 -5.36 -14.07
C VAL C 14 -15.74 -5.22 -15.57
N GLY C 15 -16.73 -5.84 -16.19
CA GLY C 15 -16.97 -5.63 -17.59
C GLY C 15 -16.46 -6.69 -18.56
N GLY C 16 -16.25 -7.93 -18.12
CA GLY C 16 -15.77 -8.92 -19.06
C GLY C 16 -16.77 -9.22 -20.18
N THR C 17 -18.07 -9.20 -19.85
CA THR C 17 -19.09 -9.47 -20.85
C THR C 17 -19.11 -8.36 -21.89
N THR C 18 -18.99 -7.11 -21.43
CA THR C 18 -19.03 -5.99 -22.37
C THR C 18 -17.79 -5.96 -23.24
N LEU C 19 -16.64 -6.15 -22.60
CA LEU C 19 -15.37 -6.26 -23.32
C LEU C 19 -15.43 -7.35 -24.38
N THR C 20 -15.94 -8.52 -24.01
CA THR C 20 -15.96 -9.64 -24.97
C THR C 20 -16.74 -9.29 -26.23
N GLN C 21 -17.92 -8.67 -26.05
CA GLN C 21 -18.83 -8.34 -27.13
C GLN C 21 -18.31 -7.25 -28.05
N LYS C 22 -17.79 -6.18 -27.47
CA LYS C 22 -17.22 -5.12 -28.29
C LYS C 22 -16.05 -5.69 -29.12
N THR C 23 -15.29 -6.62 -28.54
CA THR C 23 -14.19 -7.24 -29.27
C THR C 23 -14.72 -8.17 -30.37
N ILE C 24 -15.78 -8.94 -30.07
CA ILE C 24 -16.29 -9.91 -31.05
C ILE C 24 -16.83 -9.21 -32.29
N GLU C 25 -17.59 -8.11 -32.13
CA GLU C 25 -18.12 -7.47 -33.35
C GLU C 25 -17.05 -6.68 -34.11
N LYS C 26 -16.04 -6.14 -33.43
CA LYS C 26 -14.99 -5.46 -34.17
C LYS C 26 -14.05 -6.43 -34.87
N LEU C 27 -13.81 -7.60 -34.27
CA LEU C 27 -13.07 -8.63 -35.00
C LEU C 27 -13.79 -8.95 -36.30
N LYS C 28 -15.13 -8.93 -36.30
CA LYS C 28 -15.89 -9.23 -37.50
C LYS C 28 -15.76 -8.14 -38.57
N GLU C 29 -15.32 -6.93 -38.20
CA GLU C 29 -14.99 -5.94 -39.22
C GLU C 29 -13.81 -6.42 -40.06
N GLU C 30 -12.91 -7.20 -39.46
CA GLU C 30 -11.76 -7.78 -40.12
C GLU C 30 -11.96 -9.24 -40.50
N GLY C 31 -13.20 -9.72 -40.53
CA GLY C 31 -13.45 -11.07 -40.99
C GLY C 31 -12.93 -12.13 -40.05
N ILE C 32 -12.84 -11.82 -38.77
CA ILE C 32 -12.38 -12.76 -37.76
C ILE C 32 -13.59 -13.12 -36.91
N GLU C 33 -14.08 -14.35 -37.10
CA GLU C 33 -15.29 -14.80 -36.46
C GLU C 33 -14.92 -15.49 -35.16
N TYR C 34 -15.43 -14.97 -34.05
CA TYR C 34 -15.36 -15.62 -32.74
C TYR C 34 -16.77 -15.74 -32.21
N LYS C 35 -17.05 -16.85 -31.55
CA LYS C 35 -18.35 -17.10 -30.96
C LYS C 35 -18.24 -16.85 -29.47
N MET C 36 -19.11 -16.02 -28.92
CA MET C 36 -19.10 -15.74 -27.50
C MET C 36 -19.81 -16.85 -26.77
N VAL C 37 -19.26 -17.27 -25.63
CA VAL C 37 -19.95 -18.28 -24.84
C VAL C 37 -19.88 -17.93 -23.37
N ASN C 38 -21.03 -17.84 -22.73
CA ASN C 38 -21.08 -17.48 -21.32
C ASN C 38 -21.18 -18.76 -20.49
N PHE C 39 -20.16 -19.01 -19.69
CA PHE C 39 -20.11 -20.25 -18.93
C PHE C 39 -21.32 -20.35 -18.00
N GLY C 40 -21.76 -19.24 -17.42
CA GLY C 40 -22.88 -19.27 -16.48
C GLY C 40 -24.20 -19.62 -17.12
N THR C 41 -24.35 -19.27 -18.40
CA THR C 41 -25.57 -19.57 -19.13
C THR C 41 -25.67 -21.03 -19.50
N VAL C 42 -24.54 -21.65 -19.84
CA VAL C 42 -24.55 -23.08 -20.15
C VAL C 42 -24.93 -23.88 -18.92
N MET C 43 -24.41 -23.49 -17.76
CA MET C 43 -24.76 -24.15 -16.50
C MET C 43 -26.26 -24.01 -16.20
N PHE C 44 -26.78 -22.79 -16.31
CA PHE C 44 -28.20 -22.45 -16.05
C PHE C 44 -29.13 -23.10 -17.08
N GLU C 45 -28.62 -23.63 -18.21
CA GLU C 45 -29.42 -24.41 -19.18
C GLU C 45 -29.64 -25.84 -18.70
N VAL C 46 -28.61 -26.38 -18.06
CA VAL C 46 -28.66 -27.63 -17.33
C VAL C 46 -29.32 -27.46 -15.95
N ALA C 47 -29.18 -26.26 -15.32
CA ALA C 47 -29.64 -25.96 -13.97
C ALA C 47 -31.15 -25.72 -13.82
N LYS C 48 -31.70 -24.69 -14.46
CA LYS C 48 -33.16 -24.49 -14.36
C LYS C 48 -33.90 -25.68 -14.98
N GLU C 49 -33.19 -26.45 -15.84
CA GLU C 49 -33.74 -27.71 -16.37
C GLU C 49 -34.02 -28.68 -15.22
N GLU C 50 -33.26 -28.56 -14.12
CA GLU C 50 -33.41 -29.39 -12.92
C GLU C 50 -34.02 -28.67 -11.70
N GLY C 51 -34.33 -27.38 -11.79
CA GLY C 51 -35.11 -26.73 -10.74
C GLY C 51 -34.37 -26.09 -9.56
N LEU C 52 -33.01 -26.02 -9.59
CA LEU C 52 -32.21 -25.57 -8.46
C LEU C 52 -32.16 -24.05 -8.28
N VAL C 53 -32.56 -23.27 -9.28
CA VAL C 53 -32.45 -21.81 -9.26
C VAL C 53 -33.62 -21.24 -10.09
N GLU C 54 -34.19 -20.12 -9.63
CA GLU C 54 -35.03 -19.31 -10.51
C GLU C 54 -34.17 -18.44 -11.43
N ASP C 55 -33.11 -17.81 -10.89
CA ASP C 55 -32.23 -16.92 -11.67
C ASP C 55 -30.76 -17.34 -11.47
N ARG C 56 -29.83 -16.57 -12.10
CA ARG C 56 -28.43 -16.96 -12.23
C ARG C 56 -27.54 -16.45 -11.10
N ASP C 57 -28.03 -15.51 -10.27
CA ASP C 57 -27.26 -15.06 -9.10
C ASP C 57 -27.28 -16.09 -7.97
N GLN C 58 -28.31 -17.04 -7.99
CA GLN C 58 -28.63 -18.21 -7.16
C GLN C 58 -27.67 -19.48 -7.41
N MET C 59 -26.61 -19.33 -8.20
CA MET C 59 -25.67 -20.42 -8.50
C MET C 59 -24.42 -20.36 -7.62
N ARG C 60 -23.86 -19.15 -7.34
CA ARG C 60 -22.77 -19.02 -6.36
C ARG C 60 -23.25 -19.31 -4.93
N LYS C 61 -24.59 -19.45 -4.73
CA LYS C 61 -25.24 -19.69 -3.45
C LYS C 61 -25.59 -21.15 -3.19
N LEU C 62 -25.56 -22.03 -4.21
CA LEU C 62 -25.88 -23.45 -4.00
C LEU C 62 -24.67 -24.16 -3.36
N ASP C 63 -24.98 -25.27 -2.65
CA ASP C 63 -24.02 -26.23 -2.08
C ASP C 63 -22.88 -26.46 -3.05
N PRO C 64 -21.60 -26.34 -2.64
CA PRO C 64 -20.49 -26.46 -3.63
C PRO C 64 -20.38 -27.79 -4.41
N ASP C 65 -21.04 -28.91 -3.99
CA ASP C 65 -21.06 -30.16 -4.76
C ASP C 65 -22.19 -30.26 -5.78
N THR C 66 -23.26 -29.52 -5.58
CA THR C 66 -24.32 -29.44 -6.60
C THR C 66 -23.86 -28.57 -7.78
N GLN C 67 -23.05 -27.53 -7.53
CA GLN C 67 -22.47 -26.75 -8.63
C GLN C 67 -21.50 -27.64 -9.42
N LYS C 68 -20.38 -28.06 -8.78
CA LYS C 68 -19.37 -28.87 -9.47
C LYS C 68 -20.01 -30.03 -10.17
N ARG C 69 -21.17 -30.48 -9.71
CA ARG C 69 -21.84 -31.57 -10.45
C ARG C 69 -22.23 -31.09 -11.86
N ILE C 70 -22.77 -29.88 -11.99
CA ILE C 70 -23.12 -29.26 -13.28
C ILE C 70 -21.96 -28.48 -13.99
N GLN C 71 -20.94 -27.98 -13.27
CA GLN C 71 -19.79 -27.33 -13.92
C GLN C 71 -19.09 -28.24 -14.94
N LYS C 72 -18.96 -29.53 -14.66
CA LYS C 72 -18.24 -30.40 -15.59
C LYS C 72 -19.02 -30.59 -16.89
N LEU C 73 -20.33 -30.84 -16.79
CA LEU C 73 -21.20 -30.87 -17.95
C LEU C 73 -20.99 -29.66 -18.87
N ALA C 74 -20.97 -28.45 -18.30
CA ALA C 74 -20.91 -27.26 -19.15
C ALA C 74 -19.57 -27.15 -19.88
N GLY C 75 -18.45 -27.47 -19.20
CA GLY C 75 -17.16 -27.47 -19.89
C GLY C 75 -17.15 -28.40 -21.09
N ARG C 76 -17.81 -29.55 -20.96
CA ARG C 76 -17.92 -30.47 -22.09
C ARG C 76 -18.71 -29.86 -23.25
N LYS C 77 -19.88 -29.26 -22.99
CA LYS C 77 -20.60 -28.59 -24.07
C LYS C 77 -19.68 -27.59 -24.80
N ILE C 78 -18.92 -26.79 -24.03
CA ILE C 78 -18.10 -25.71 -24.60
C ILE C 78 -16.93 -26.27 -25.41
N ALA C 79 -16.31 -27.37 -24.94
CA ALA C 79 -15.38 -28.11 -25.80
C ALA C 79 -15.99 -28.52 -27.15
N GLU C 80 -17.25 -28.92 -27.15
CA GLU C 80 -17.87 -29.30 -28.42
C GLU C 80 -18.01 -28.12 -29.38
N MET C 81 -18.38 -26.95 -28.84
CA MET C 81 -18.50 -25.77 -29.68
C MET C 81 -17.17 -25.45 -30.34
N ALA C 82 -16.06 -25.71 -29.67
CA ALA C 82 -14.75 -25.34 -30.21
C ALA C 82 -14.37 -26.15 -31.44
N LYS C 83 -14.92 -27.35 -31.57
CA LYS C 83 -14.70 -28.14 -32.77
C LYS C 83 -15.26 -27.45 -34.00
N GLU C 84 -16.19 -26.50 -33.79
CA GLU C 84 -17.00 -25.88 -34.83
C GLU C 84 -16.64 -24.45 -35.14
N SER C 85 -16.22 -23.68 -34.14
CA SER C 85 -15.89 -22.27 -34.29
C SER C 85 -14.91 -21.92 -33.18
N ASN C 86 -14.20 -20.81 -33.35
CA ASN C 86 -13.43 -20.24 -32.23
C ASN C 86 -14.39 -19.73 -31.15
N VAL C 87 -14.02 -19.93 -29.89
CA VAL C 87 -14.89 -19.51 -28.80
C VAL C 87 -14.10 -18.64 -27.84
N ILE C 88 -14.76 -17.58 -27.39
CA ILE C 88 -14.34 -16.81 -26.22
C ILE C 88 -15.33 -17.18 -25.14
N VAL C 89 -14.84 -17.72 -24.05
CA VAL C 89 -15.67 -18.21 -22.96
C VAL C 89 -15.62 -17.17 -21.83
N ASP C 90 -16.76 -16.56 -21.53
CA ASP C 90 -16.95 -15.65 -20.42
C ASP C 90 -17.30 -16.39 -19.13
N THR C 91 -16.37 -16.34 -18.20
CA THR C 91 -16.49 -17.15 -17.01
C THR C 91 -15.64 -16.51 -15.92
N HIS C 92 -15.31 -17.27 -14.90
CA HIS C 92 -14.72 -16.69 -13.72
C HIS C 92 -13.49 -17.46 -13.33
N SER C 93 -12.42 -16.75 -13.00
CA SER C 93 -11.26 -17.47 -12.46
C SER C 93 -11.66 -18.19 -11.18
N THR C 94 -12.35 -17.50 -10.27
CA THR C 94 -12.90 -18.12 -9.08
C THR C 94 -14.29 -17.55 -8.88
N VAL C 95 -15.15 -18.37 -8.32
CA VAL C 95 -16.48 -17.98 -7.96
C VAL C 95 -16.51 -17.82 -6.46
N LYS C 96 -17.06 -16.71 -5.99
CA LYS C 96 -17.18 -16.42 -4.57
C LYS C 96 -18.45 -17.05 -4.07
N THR C 97 -18.35 -18.06 -3.24
CA THR C 97 -19.52 -18.68 -2.66
C THR C 97 -19.45 -18.46 -1.16
N PRO C 98 -20.55 -18.64 -0.44
CA PRO C 98 -20.47 -18.53 1.02
C PRO C 98 -19.45 -19.46 1.62
N LYS C 99 -19.15 -20.59 0.98
CA LYS C 99 -18.17 -21.53 1.50
C LYS C 99 -16.77 -21.28 0.91
N GLY C 100 -16.56 -20.19 0.18
CA GLY C 100 -15.24 -19.78 -0.25
C GLY C 100 -15.14 -19.60 -1.77
N TYR C 101 -13.91 -19.32 -2.22
CA TYR C 101 -13.59 -19.28 -3.64
C TYR C 101 -13.56 -20.70 -4.20
N LEU C 102 -14.29 -20.91 -5.27
CA LEU C 102 -14.36 -22.19 -5.97
C LEU C 102 -13.72 -21.95 -7.32
N ALA C 103 -12.65 -22.67 -7.61
CA ALA C 103 -11.98 -22.45 -8.88
C ALA C 103 -12.97 -22.66 -10.02
N GLY C 104 -12.92 -21.77 -11.03
CA GLY C 104 -13.81 -21.87 -12.16
C GLY C 104 -13.38 -22.92 -13.18
N LEU C 105 -12.09 -23.19 -13.25
CA LEU C 105 -11.56 -24.24 -14.12
C LEU C 105 -10.73 -25.23 -13.32
N PRO C 106 -11.31 -25.94 -12.38
CA PRO C 106 -10.57 -27.01 -11.72
C PRO C 106 -9.97 -27.95 -12.75
N ILE C 107 -8.91 -28.69 -12.39
CA ILE C 107 -8.06 -29.27 -13.41
C ILE C 107 -8.85 -30.12 -14.40
N TRP C 108 -9.91 -30.86 -13.96
CA TRP C 108 -10.64 -31.69 -14.93
C TRP C 108 -11.43 -30.84 -15.93
N VAL C 109 -12.01 -29.72 -15.48
CA VAL C 109 -12.63 -28.82 -16.45
C VAL C 109 -11.57 -28.12 -17.29
N LEU C 110 -10.50 -27.64 -16.65
CA LEU C 110 -9.41 -26.96 -17.37
C LEU C 110 -8.87 -27.85 -18.48
N GLU C 111 -8.73 -29.15 -18.20
CA GLU C 111 -8.15 -30.08 -19.15
C GLU C 111 -9.05 -30.32 -20.34
N GLU C 112 -10.38 -30.24 -20.14
CA GLU C 112 -11.37 -30.43 -21.20
C GLU C 112 -11.51 -29.19 -22.08
N LEU C 113 -11.37 -28.00 -21.52
CA LEU C 113 -11.46 -26.78 -22.33
C LEU C 113 -10.14 -26.50 -23.05
N ASN C 114 -9.04 -26.74 -22.35
CA ASN C 114 -7.69 -26.50 -22.86
C ASN C 114 -7.54 -25.13 -23.52
N PRO C 115 -7.79 -24.05 -22.76
CA PRO C 115 -7.77 -22.72 -23.38
C PRO C 115 -6.36 -22.32 -23.82
N ASP C 116 -6.29 -21.57 -24.92
CA ASP C 116 -4.98 -21.11 -25.40
C ASP C 116 -4.49 -19.90 -24.61
N ILE C 117 -5.42 -18.99 -24.24
CA ILE C 117 -5.13 -17.76 -23.52
C ILE C 117 -6.18 -17.60 -22.43
N ILE C 118 -5.74 -17.16 -21.26
CA ILE C 118 -6.65 -16.83 -20.18
C ILE C 118 -6.52 -15.36 -19.87
N VAL C 119 -7.61 -14.61 -20.06
CA VAL C 119 -7.58 -13.16 -19.88
C VAL C 119 -8.23 -12.84 -18.55
N ILE C 120 -7.57 -11.98 -17.78
CA ILE C 120 -8.06 -11.41 -16.53
C ILE C 120 -8.30 -9.95 -16.80
N VAL C 121 -9.55 -9.51 -16.66
CA VAL C 121 -9.99 -8.13 -16.81
C VAL C 121 -10.04 -7.54 -15.41
N GLU C 122 -9.31 -6.46 -15.21
CA GLU C 122 -9.17 -5.78 -13.92
C GLU C 122 -9.39 -4.28 -14.04
N THR C 123 -9.76 -3.70 -12.90
CA THR C 123 -9.58 -2.30 -12.59
C THR C 123 -9.61 -2.22 -11.05
N SER C 124 -9.59 -1.00 -10.53
CA SER C 124 -9.58 -0.80 -9.09
C SER C 124 -10.91 -1.19 -8.49
N SER C 125 -10.88 -1.69 -7.26
CA SER C 125 -12.12 -2.09 -6.61
C SER C 125 -13.07 -0.92 -6.41
N ASP C 126 -12.55 0.27 -6.22
CA ASP C 126 -13.37 1.48 -6.25
C ASP C 126 -14.29 1.53 -7.45
N GLU C 127 -13.73 1.45 -8.65
CA GLU C 127 -14.53 1.61 -9.84
C GLU C 127 -15.52 0.45 -9.98
N ILE C 128 -15.09 -0.77 -9.60
CA ILE C 128 -15.96 -1.93 -9.64
C ILE C 128 -17.13 -1.75 -8.68
N LEU C 129 -16.82 -1.43 -7.42
CA LEU C 129 -17.88 -1.26 -6.45
C LEU C 129 -18.87 -0.23 -6.95
N MET C 130 -18.39 0.83 -7.55
CA MET C 130 -19.30 1.90 -7.94
C MET C 130 -20.27 1.44 -9.02
N ARG C 131 -19.77 0.60 -9.95
CA ARG C 131 -20.61 0.03 -11.00
C ARG C 131 -21.69 -0.89 -10.43
N ARG C 132 -21.36 -1.68 -9.42
CA ARG C 132 -22.34 -2.55 -8.82
C ARG C 132 -23.46 -1.76 -8.21
N LEU C 133 -23.18 -0.59 -7.66
CA LEU C 133 -24.25 0.20 -7.08
C LEU C 133 -25.14 0.88 -8.11
N GLY C 134 -24.62 1.11 -9.31
CA GLY C 134 -25.44 1.80 -10.28
C GLY C 134 -26.49 0.93 -10.91
N ASP C 135 -26.42 -0.40 -10.71
CA ASP C 135 -27.22 -1.36 -11.44
C ASP C 135 -28.24 -2.09 -10.57
N ALA C 136 -29.51 -1.65 -10.69
CA ALA C 136 -30.66 -2.35 -10.15
C ALA C 136 -31.27 -3.34 -11.15
N THR C 137 -30.48 -3.80 -12.16
CA THR C 137 -30.94 -4.87 -13.05
C THR C 137 -30.23 -6.21 -12.70
N ARG C 138 -28.98 -6.47 -13.05
CA ARG C 138 -28.38 -7.68 -12.46
C ARG C 138 -27.88 -7.29 -11.06
N ASN C 139 -28.64 -7.68 -10.02
CA ASN C 139 -28.34 -7.31 -8.63
C ASN C 139 -27.14 -8.11 -8.12
N ARG C 140 -26.11 -7.37 -7.67
CA ARG C 140 -24.80 -7.90 -7.32
C ARG C 140 -24.39 -7.71 -5.86
N ASP C 141 -23.36 -8.50 -5.46
CA ASP C 141 -22.72 -8.42 -4.15
C ASP C 141 -22.25 -7.00 -3.89
N ILE C 142 -22.89 -6.27 -2.97
CA ILE C 142 -22.35 -5.00 -2.47
C ILE C 142 -21.42 -5.36 -1.30
N GLU C 143 -20.19 -5.65 -1.63
CA GLU C 143 -19.20 -5.94 -0.61
C GLU C 143 -18.18 -4.80 -0.58
N LEU C 144 -17.46 -4.74 0.52
CA LEU C 144 -16.35 -3.81 0.69
C LEU C 144 -15.40 -3.88 -0.50
N THR C 145 -14.69 -2.77 -0.74
CA THR C 145 -13.64 -2.76 -1.77
C THR C 145 -12.50 -3.72 -1.43
N SER C 146 -12.25 -3.96 -0.14
CA SER C 146 -11.20 -4.92 0.21
C SER C 146 -11.63 -6.36 -0.05
N ASP C 147 -12.93 -6.64 0.03
CA ASP C 147 -13.45 -7.95 -0.40
C ASP C 147 -13.29 -8.10 -1.91
N ILE C 148 -13.54 -7.05 -2.68
CA ILE C 148 -13.33 -7.12 -4.13
C ILE C 148 -11.85 -7.33 -4.43
N ASP C 149 -10.95 -6.67 -3.67
CA ASP C 149 -9.52 -6.90 -3.86
C ASP C 149 -9.13 -8.32 -3.49
N GLU C 150 -9.66 -8.86 -2.39
CA GLU C 150 -9.39 -10.25 -2.03
C GLU C 150 -9.71 -11.15 -3.21
N HIS C 151 -10.83 -10.92 -3.85
CA HIS C 151 -11.28 -11.72 -4.97
C HIS C 151 -10.33 -11.57 -6.15
N GLN C 152 -9.99 -10.33 -6.53
CA GLN C 152 -9.11 -10.17 -7.67
C GLN C 152 -7.73 -10.77 -7.40
N PHE C 153 -7.35 -10.86 -6.13
CA PHE C 153 -6.13 -11.53 -5.74
C PHE C 153 -6.25 -13.01 -6.05
N MET C 154 -7.29 -13.66 -5.52
CA MET C 154 -7.43 -15.08 -5.74
C MET C 154 -7.71 -15.43 -7.20
N ASN C 155 -8.34 -14.54 -7.98
CA ASN C 155 -8.51 -14.86 -9.40
C ASN C 155 -7.16 -14.97 -10.08
N ARG C 156 -6.24 -14.09 -9.69
CA ARG C 156 -4.89 -14.14 -10.23
C ARG C 156 -4.17 -15.41 -9.81
N CYS C 157 -4.33 -15.83 -8.55
CA CYS C 157 -3.68 -17.05 -8.08
C CYS C 157 -4.19 -18.25 -8.88
N ALA C 158 -5.52 -18.39 -8.98
CA ALA C 158 -6.08 -19.47 -9.77
C ALA C 158 -5.62 -19.42 -11.22
N ALA C 159 -5.63 -18.23 -11.82
CA ALA C 159 -5.29 -18.09 -13.23
C ALA C 159 -3.88 -18.53 -13.50
N MET C 160 -2.92 -18.09 -12.66
CA MET C 160 -1.55 -18.52 -12.92
C MET C 160 -1.41 -20.03 -12.75
N ALA C 161 -2.11 -20.62 -11.81
CA ALA C 161 -1.99 -22.06 -11.68
C ALA C 161 -2.54 -22.75 -12.94
N TYR C 162 -3.67 -22.28 -13.48
CA TYR C 162 -4.12 -22.79 -14.76
C TYR C 162 -2.99 -22.75 -15.80
N GLY C 163 -2.25 -21.62 -15.83
CA GLY C 163 -1.17 -21.45 -16.79
C GLY C 163 -0.02 -22.41 -16.58
N VAL C 164 0.23 -22.80 -15.33
CA VAL C 164 1.22 -23.83 -15.02
C VAL C 164 0.76 -25.22 -15.47
N LEU C 165 -0.54 -25.49 -15.41
CA LEU C 165 -1.01 -26.84 -15.72
C LEU C 165 -1.14 -27.05 -17.23
N THR C 166 -1.43 -26.01 -17.98
CA THR C 166 -1.66 -26.14 -19.41
C THR C 166 -0.68 -25.37 -20.29
N GLY C 167 0.02 -24.36 -19.77
CA GLY C 167 0.82 -23.58 -20.67
C GLY C 167 0.06 -22.46 -21.35
N ALA C 168 -1.20 -22.22 -21.00
CA ALA C 168 -1.89 -21.07 -21.54
C ALA C 168 -1.24 -19.82 -20.96
N THR C 169 -1.14 -18.80 -21.79
CA THR C 169 -0.67 -17.52 -21.34
C THR C 169 -1.80 -16.83 -20.60
N VAL C 170 -1.42 -16.03 -19.62
CA VAL C 170 -2.36 -15.34 -18.74
C VAL C 170 -2.19 -13.86 -18.99
N LYS C 171 -3.19 -13.21 -19.58
CA LYS C 171 -3.06 -11.80 -19.94
C LYS C 171 -3.91 -10.94 -19.02
N ILE C 172 -3.32 -9.91 -18.43
CA ILE C 172 -4.04 -8.98 -17.57
C ILE C 172 -4.33 -7.74 -18.37
N ILE C 173 -5.61 -7.39 -18.45
CA ILE C 173 -6.11 -6.24 -19.17
C ILE C 173 -6.90 -5.35 -18.24
N LYS C 174 -6.51 -4.07 -18.17
CA LYS C 174 -7.23 -3.09 -17.37
C LYS C 174 -8.42 -2.57 -18.15
N ASN C 175 -9.58 -2.60 -17.53
CA ASN C 175 -10.84 -2.04 -18.11
C ASN C 175 -11.23 -0.87 -17.20
N ARG C 176 -10.63 0.28 -17.42
CA ARG C 176 -10.84 1.38 -16.49
C ARG C 176 -12.02 2.25 -16.90
N ASP C 177 -12.69 2.80 -15.89
CA ASP C 177 -13.81 3.69 -16.15
C ASP C 177 -13.44 4.69 -17.23
N GLY C 178 -14.32 4.82 -18.22
CA GLY C 178 -14.15 5.72 -19.34
C GLY C 178 -13.29 5.22 -20.49
N LEU C 179 -12.58 4.11 -20.31
CA LEU C 179 -11.55 3.66 -21.25
C LEU C 179 -11.81 2.21 -21.62
N LEU C 180 -13.09 1.85 -21.75
CA LEU C 180 -13.43 0.52 -22.24
C LEU C 180 -12.77 0.26 -23.59
N ASP C 181 -12.87 1.22 -24.52
CA ASP C 181 -12.30 1.10 -25.84
C ASP C 181 -10.84 0.66 -25.76
N LYS C 182 -10.05 1.21 -24.84
CA LYS C 182 -8.65 0.80 -24.77
C LYS C 182 -8.51 -0.64 -24.31
N ALA C 183 -9.41 -1.10 -23.45
CA ALA C 183 -9.38 -2.50 -23.05
C ALA C 183 -9.82 -3.39 -24.21
N VAL C 184 -10.54 -2.84 -25.19
CA VAL C 184 -10.93 -3.61 -26.36
C VAL C 184 -9.80 -3.72 -27.41
N GLU C 185 -9.06 -2.61 -27.68
CA GLU C 185 -7.98 -2.71 -28.68
C GLU C 185 -6.86 -3.66 -28.21
N GLU C 186 -6.54 -3.66 -26.91
CA GLU C 186 -5.50 -4.58 -26.39
C GLU C 186 -5.93 -6.03 -26.61
N LEU C 187 -7.19 -6.37 -26.30
CA LEU C 187 -7.65 -7.74 -26.53
C LEU C 187 -7.70 -8.06 -28.01
N ILE C 188 -8.16 -7.13 -28.82
CA ILE C 188 -8.13 -7.35 -30.26
C ILE C 188 -6.69 -7.64 -30.69
N SER C 189 -5.78 -6.80 -30.24
CA SER C 189 -4.37 -6.94 -30.61
C SER C 189 -3.80 -8.30 -30.20
N VAL C 190 -4.24 -8.82 -29.05
CA VAL C 190 -3.81 -10.10 -28.55
C VAL C 190 -4.30 -11.26 -29.43
N LEU C 191 -5.46 -11.11 -30.07
CA LEU C 191 -6.07 -12.18 -30.86
C LEU C 191 -5.65 -12.16 -32.32
N LYS C 192 -4.37 -11.98 -32.62
CA LYS C 192 -3.87 -12.00 -34.01
C LYS C 192 -2.45 -12.56 -34.13
N LYS D 2 -9.39 25.44 33.70
CA LYS D 2 -10.62 26.21 33.65
C LYS D 2 -11.38 26.00 32.35
N ASN D 3 -12.35 25.08 32.36
CA ASN D 3 -13.20 24.90 31.18
C ASN D 3 -12.32 24.50 30.01
N LYS D 4 -12.18 23.19 29.80
CA LYS D 4 -11.34 22.67 28.73
C LYS D 4 -12.13 22.73 27.42
N VAL D 5 -11.40 22.79 26.31
CA VAL D 5 -11.99 22.81 24.98
C VAL D 5 -11.37 21.65 24.21
N VAL D 6 -12.15 20.61 23.98
CA VAL D 6 -11.71 19.44 23.24
C VAL D 6 -12.39 19.45 21.88
N VAL D 7 -11.59 19.31 20.83
CA VAL D 7 -12.09 19.29 19.46
C VAL D 7 -11.99 17.86 18.95
N VAL D 8 -13.10 17.36 18.40
CA VAL D 8 -13.21 16.02 17.85
C VAL D 8 -13.49 16.18 16.36
N THR D 9 -12.65 15.58 15.52
CA THR D 9 -12.73 15.74 14.08
C THR D 9 -12.76 14.40 13.40
N GLY D 10 -13.11 14.44 12.12
CA GLY D 10 -13.28 13.22 11.36
C GLY D 10 -14.11 13.40 10.11
N VAL D 11 -13.87 12.57 9.12
CA VAL D 11 -14.60 12.65 7.86
C VAL D 11 -16.04 12.24 8.15
N PRO D 12 -17.03 12.67 7.35
CA PRO D 12 -18.41 12.25 7.62
C PRO D 12 -18.54 10.72 7.59
N GLY D 13 -19.22 10.19 8.60
CA GLY D 13 -19.45 8.78 8.69
C GLY D 13 -18.52 8.01 9.60
N VAL D 14 -17.40 8.60 10.03
CA VAL D 14 -16.43 7.83 10.82
C VAL D 14 -16.87 7.65 12.26
N GLY D 15 -17.85 8.41 12.75
CA GLY D 15 -18.44 8.18 14.04
C GLY D 15 -18.04 9.07 15.21
N GLY D 16 -17.60 10.30 14.95
CA GLY D 16 -17.21 11.17 16.05
C GLY D 16 -18.39 11.64 16.89
N THR D 17 -19.52 11.91 16.25
CA THR D 17 -20.70 12.31 17.02
C THR D 17 -21.09 11.19 17.97
N THR D 18 -21.11 9.94 17.48
CA THR D 18 -21.46 8.79 18.32
C THR D 18 -20.42 8.52 19.41
N LEU D 19 -19.13 8.60 19.07
CA LEU D 19 -18.07 8.51 20.06
C LEU D 19 -18.23 9.59 21.14
N THR D 20 -18.49 10.83 20.70
CA THR D 20 -18.62 11.95 21.62
C THR D 20 -19.74 11.72 22.64
N GLN D 21 -20.90 11.25 22.18
CA GLN D 21 -22.05 11.05 23.05
C GLN D 21 -21.81 9.94 24.08
N LYS D 22 -21.25 8.80 23.65
CA LYS D 22 -20.97 7.72 24.60
C LYS D 22 -19.94 8.17 25.63
N THR D 23 -18.97 8.98 25.21
CA THR D 23 -17.93 9.47 26.11
C THR D 23 -18.48 10.45 27.16
N ILE D 24 -19.36 11.37 26.77
CA ILE D 24 -19.87 12.35 27.72
C ILE D 24 -20.78 11.69 28.76
N GLU D 25 -21.61 10.72 28.35
CA GLU D 25 -22.55 10.15 29.31
C GLU D 25 -21.83 9.30 30.35
N LYS D 26 -20.76 8.62 29.92
CA LYS D 26 -19.98 7.79 30.84
C LYS D 26 -19.02 8.63 31.68
N LEU D 27 -18.51 9.74 31.12
CA LEU D 27 -17.78 10.69 31.95
C LEU D 27 -18.68 11.24 33.05
N LYS D 28 -19.92 11.55 32.70
CA LYS D 28 -20.85 12.07 33.70
C LYS D 28 -21.24 11.01 34.72
N GLU D 29 -21.01 9.72 34.43
CA GLU D 29 -21.23 8.71 35.46
C GLU D 29 -20.15 8.83 36.54
N GLU D 30 -18.96 9.31 36.17
CA GLU D 30 -17.87 9.59 37.09
C GLU D 30 -17.73 11.08 37.41
N GLY D 31 -18.78 11.88 37.21
CA GLY D 31 -18.78 13.26 37.63
C GLY D 31 -17.95 14.22 36.80
N ILE D 32 -17.78 13.92 35.51
CA ILE D 32 -17.05 14.77 34.57
C ILE D 32 -18.05 15.29 33.54
N GLU D 33 -18.40 16.57 33.64
CA GLU D 33 -19.40 17.19 32.80
C GLU D 33 -18.72 17.80 31.58
N TYR D 34 -19.14 17.39 30.41
CA TYR D 34 -18.74 18.00 29.16
C TYR D 34 -20.03 18.28 28.38
N LYS D 35 -20.08 19.43 27.70
CA LYS D 35 -21.19 19.82 26.85
C LYS D 35 -20.80 19.56 25.40
N MET D 36 -21.66 18.88 24.66
CA MET D 36 -21.38 18.63 23.26
C MET D 36 -21.84 19.82 22.43
N VAL D 37 -20.99 20.28 21.53
CA VAL D 37 -21.32 21.39 20.65
C VAL D 37 -20.90 21.00 19.25
N ASN D 38 -21.86 20.96 18.33
CA ASN D 38 -21.61 20.57 16.95
C ASN D 38 -21.45 21.83 16.12
N PHE D 39 -20.23 22.05 15.64
CA PHE D 39 -19.91 23.28 14.90
C PHE D 39 -20.82 23.44 13.70
N GLY D 40 -21.16 22.34 13.02
CA GLY D 40 -22.06 22.44 11.88
C GLY D 40 -23.46 22.89 12.24
N THR D 41 -23.90 22.61 13.48
CA THR D 41 -25.21 23.09 13.91
C THR D 41 -25.17 24.58 14.19
N VAL D 42 -24.08 25.05 14.79
CA VAL D 42 -23.95 26.50 15.03
C VAL D 42 -24.00 27.23 13.70
N MET D 43 -23.30 26.69 12.68
CA MET D 43 -23.29 27.30 11.36
C MET D 43 -24.66 27.22 10.70
N PHE D 44 -25.26 26.03 10.67
CA PHE D 44 -26.53 25.87 9.96
C PHE D 44 -27.60 26.76 10.57
N GLU D 45 -27.38 27.21 11.79
CA GLU D 45 -28.34 28.10 12.40
C GLU D 45 -28.19 29.54 11.93
N VAL D 46 -26.96 30.00 11.68
CA VAL D 46 -26.76 31.34 11.11
C VAL D 46 -27.09 31.33 9.62
N ALA D 47 -26.75 30.24 8.92
CA ALA D 47 -27.04 30.17 7.48
C ALA D 47 -28.53 30.16 7.28
N LYS D 48 -29.20 29.18 7.89
CA LYS D 48 -30.66 29.10 7.72
C LYS D 48 -31.41 30.38 8.16
N GLU D 49 -30.87 31.20 9.08
CA GLU D 49 -31.57 32.45 9.40
C GLU D 49 -31.53 33.41 8.21
N GLU D 50 -30.48 33.31 7.40
CA GLU D 50 -30.25 34.26 6.32
C GLU D 50 -30.72 33.72 4.97
N GLY D 51 -31.17 32.46 4.92
CA GLY D 51 -31.77 31.89 3.75
C GLY D 51 -30.86 31.10 2.83
N LEU D 52 -29.63 30.80 3.23
CA LEU D 52 -28.66 30.21 2.32
C LEU D 52 -28.84 28.72 2.03
N VAL D 53 -29.54 27.99 2.88
CA VAL D 53 -29.58 26.53 2.76
C VAL D 53 -30.92 26.02 3.27
N GLU D 54 -31.42 24.98 2.62
CA GLU D 54 -32.57 24.28 3.17
C GLU D 54 -32.14 23.43 4.38
N ASP D 55 -31.10 22.61 4.18
CA ASP D 55 -30.58 21.71 5.21
C ASP D 55 -29.07 21.91 5.34
N ARG D 56 -28.46 21.12 6.21
CA ARG D 56 -27.08 21.39 6.59
C ARG D 56 -26.04 20.79 5.66
N ASP D 57 -26.42 19.81 4.82
CA ASP D 57 -25.51 19.25 3.82
C ASP D 57 -25.32 20.17 2.61
N GLN D 58 -26.13 21.23 2.46
CA GLN D 58 -25.93 22.27 1.45
C GLN D 58 -24.89 23.35 1.81
N MET D 59 -24.26 23.28 2.98
CA MET D 59 -23.40 24.40 3.38
C MET D 59 -22.01 24.29 2.78
N ARG D 60 -21.47 23.06 2.69
CA ARG D 60 -20.17 22.82 2.07
C ARG D 60 -20.17 23.09 0.56
N LYS D 61 -21.35 23.31 -0.03
CA LYS D 61 -21.50 23.64 -1.44
C LYS D 61 -21.57 25.13 -1.63
N LEU D 62 -21.73 25.88 -0.55
CA LEU D 62 -21.80 27.32 -0.67
C LEU D 62 -20.44 27.88 -1.08
N ASP D 63 -20.49 29.11 -1.58
CA ASP D 63 -19.34 29.98 -1.77
C ASP D 63 -18.37 29.87 -0.60
N PRO D 64 -17.07 29.62 -0.80
CA PRO D 64 -16.20 29.45 0.36
C PRO D 64 -16.01 30.69 1.20
N ASP D 65 -16.14 31.90 0.65
CA ASP D 65 -16.01 33.10 1.46
C ASP D 65 -17.25 33.34 2.31
N THR D 66 -18.40 32.85 1.83
CA THR D 66 -19.60 32.80 2.66
C THR D 66 -19.44 31.75 3.75
N GLN D 67 -18.75 30.66 3.45
CA GLN D 67 -18.49 29.66 4.48
C GLN D 67 -17.63 30.25 5.59
N LYS D 68 -16.49 30.83 5.23
CA LYS D 68 -15.57 31.35 6.24
C LYS D 68 -16.24 32.36 7.14
N ARG D 69 -17.15 33.17 6.57
CA ARG D 69 -17.82 34.20 7.35
C ARG D 69 -18.74 33.60 8.40
N ILE D 70 -19.43 32.53 8.04
CA ILE D 70 -20.29 31.83 8.99
C ILE D 70 -19.45 30.91 9.88
N GLN D 71 -18.39 30.32 9.33
CA GLN D 71 -17.46 29.59 10.18
C GLN D 71 -16.90 30.50 11.27
N LYS D 72 -16.58 31.76 10.95
CA LYS D 72 -15.91 32.59 11.94
C LYS D 72 -16.86 32.97 13.05
N LEU D 73 -18.04 33.44 12.69
CA LEU D 73 -19.11 33.69 13.65
C LEU D 73 -19.29 32.50 14.57
N ALA D 74 -19.36 31.29 14.00
CA ALA D 74 -19.68 30.14 14.84
C ALA D 74 -18.56 29.85 15.85
N GLY D 75 -17.30 29.98 15.42
CA GLY D 75 -16.18 29.79 16.34
C GLY D 75 -16.26 30.76 17.50
N ARG D 76 -16.73 31.98 17.23
CA ARG D 76 -16.94 32.99 18.28
C ARG D 76 -18.02 32.56 19.26
N LYS D 77 -19.18 32.13 18.75
CA LYS D 77 -20.23 31.63 19.64
C LYS D 77 -19.71 30.49 20.49
N ILE D 78 -18.94 29.59 19.89
CA ILE D 78 -18.48 28.44 20.66
C ILE D 78 -17.47 28.89 21.72
N ALA D 79 -16.61 29.85 21.39
CA ALA D 79 -15.75 30.44 22.42
C ALA D 79 -16.58 30.93 23.60
N GLU D 80 -17.79 31.46 23.34
CA GLU D 80 -18.66 31.90 24.44
C GLU D 80 -19.18 30.73 25.25
N MET D 81 -19.54 29.62 24.58
CA MET D 81 -20.05 28.47 25.30
C MET D 81 -19.01 27.94 26.28
N ALA D 82 -17.73 28.04 25.91
CA ALA D 82 -16.64 27.52 26.72
C ALA D 82 -16.42 28.29 28.01
N LYS D 83 -16.84 29.56 28.07
CA LYS D 83 -16.74 30.32 29.30
C LYS D 83 -17.59 29.72 30.41
N GLU D 84 -18.61 28.92 30.06
CA GLU D 84 -19.58 28.40 31.04
C GLU D 84 -19.41 26.92 31.40
N SER D 85 -18.96 26.07 30.47
CA SER D 85 -18.83 24.65 30.76
C SER D 85 -17.75 24.05 29.89
N ASN D 86 -17.29 22.86 30.26
CA ASN D 86 -16.40 22.12 29.36
C ASN D 86 -17.13 21.82 28.06
N VAL D 87 -16.39 21.84 26.97
CA VAL D 87 -16.99 21.61 25.66
C VAL D 87 -16.20 20.54 24.92
N ILE D 88 -16.92 19.67 24.23
CA ILE D 88 -16.38 18.90 23.13
C ILE D 88 -17.00 19.48 21.86
N VAL D 89 -16.16 19.95 20.95
CA VAL D 89 -16.59 20.56 19.71
C VAL D 89 -16.48 19.51 18.62
N ASP D 90 -17.64 19.10 18.05
CA ASP D 90 -17.71 18.14 16.94
C ASP D 90 -17.61 18.88 15.61
N THR D 91 -16.50 18.71 14.90
CA THR D 91 -16.31 19.51 13.70
C THR D 91 -15.28 18.82 12.82
N HIS D 92 -14.69 19.57 11.91
CA HIS D 92 -13.90 18.99 10.84
C HIS D 92 -12.54 19.64 10.76
N SER D 93 -11.52 18.81 10.66
CA SER D 93 -10.20 19.32 10.35
C SER D 93 -10.19 20.07 9.01
N THR D 94 -10.81 19.47 7.99
CA THR D 94 -11.07 20.10 6.70
C THR D 94 -12.48 19.73 6.22
N VAL D 95 -13.09 20.66 5.49
CA VAL D 95 -14.40 20.47 4.88
C VAL D 95 -14.15 20.22 3.40
N LYS D 96 -14.81 19.21 2.84
CA LYS D 96 -14.68 18.91 1.42
C LYS D 96 -15.71 19.76 0.70
N THR D 97 -15.24 20.73 -0.06
CA THR D 97 -16.12 21.58 -0.83
C THR D 97 -15.78 21.45 -2.31
N PRO D 98 -16.68 21.87 -3.18
CA PRO D 98 -16.39 21.80 -4.61
C PRO D 98 -15.13 22.53 -5.04
N LYS D 99 -14.73 23.62 -4.37
CA LYS D 99 -13.50 24.33 -4.72
C LYS D 99 -12.27 23.93 -3.87
N GLY D 100 -12.36 22.84 -3.11
CA GLY D 100 -11.23 22.24 -2.43
C GLY D 100 -11.51 21.99 -0.96
N TYR D 101 -10.49 21.49 -0.28
CA TYR D 101 -10.52 21.35 1.18
C TYR D 101 -10.40 22.74 1.80
N LEU D 102 -11.29 23.02 2.76
CA LEU D 102 -11.29 24.26 3.49
C LEU D 102 -10.92 23.94 4.92
N ALA D 103 -9.86 24.56 5.43
CA ALA D 103 -9.45 24.32 6.81
C ALA D 103 -10.61 24.60 7.75
N GLY D 104 -10.85 23.67 8.67
CA GLY D 104 -11.97 23.85 9.57
C GLY D 104 -11.68 24.81 10.68
N LEU D 105 -10.41 24.94 11.06
CA LEU D 105 -9.97 25.91 12.07
C LEU D 105 -8.83 26.73 11.48
N PRO D 106 -9.12 27.55 10.47
CA PRO D 106 -8.09 28.46 9.96
C PRO D 106 -7.58 29.28 11.16
N ILE D 107 -6.35 29.82 11.05
CA ILE D 107 -5.64 30.26 12.26
C ILE D 107 -6.47 31.22 13.13
N TRP D 108 -7.28 32.13 12.53
CA TRP D 108 -8.06 33.09 13.34
C TRP D 108 -9.22 32.40 14.07
N VAL D 109 -9.84 31.37 13.47
CA VAL D 109 -10.82 30.58 14.21
C VAL D 109 -10.10 29.76 15.28
N LEU D 110 -8.93 29.21 14.93
CA LEU D 110 -8.17 28.39 15.87
C LEU D 110 -7.85 29.18 17.13
N GLU D 111 -7.52 30.47 16.99
CA GLU D 111 -7.13 31.29 18.12
C GLU D 111 -8.31 31.61 19.02
N GLU D 112 -9.50 31.68 18.44
CA GLU D 112 -10.69 32.03 19.21
C GLU D 112 -11.12 30.84 20.07
N LEU D 113 -10.96 29.60 19.54
CA LEU D 113 -11.24 28.38 20.30
C LEU D 113 -10.08 27.95 21.19
N ASN D 114 -8.84 28.15 20.73
CA ASN D 114 -7.62 27.73 21.43
C ASN D 114 -7.85 26.32 22.00
N PRO D 115 -8.10 25.33 21.16
CA PRO D 115 -8.42 24.03 21.69
C PRO D 115 -7.23 23.41 22.39
N ASP D 116 -7.52 22.65 23.46
CA ASP D 116 -6.51 21.95 24.23
C ASP D 116 -6.12 20.63 23.58
N ILE D 117 -7.09 19.92 23.00
CA ILE D 117 -6.83 18.64 22.36
C ILE D 117 -7.61 18.57 21.05
N ILE D 118 -6.95 18.10 20.01
CA ILE D 118 -7.54 17.93 18.70
C ILE D 118 -7.56 16.42 18.38
N VAL D 119 -8.76 15.86 18.25
CA VAL D 119 -8.92 14.43 18.11
C VAL D 119 -9.24 14.09 16.66
N ILE D 120 -8.55 13.09 16.10
CA ILE D 120 -8.90 12.57 14.77
C ILE D 120 -9.45 11.16 14.93
N VAL D 121 -10.71 10.97 14.53
CA VAL D 121 -11.40 9.68 14.54
C VAL D 121 -11.27 9.10 13.14
N GLU D 122 -10.66 7.92 13.06
CA GLU D 122 -10.36 7.28 11.80
C GLU D 122 -10.76 5.83 11.81
N THR D 123 -10.97 5.35 10.60
CA THR D 123 -10.95 3.93 10.27
C THR D 123 -10.77 3.84 8.76
N SER D 124 -10.83 2.61 8.25
CA SER D 124 -10.60 2.41 6.82
C SER D 124 -11.75 3.01 6.01
N SER D 125 -11.42 3.50 4.82
CA SER D 125 -12.44 4.13 3.98
C SER D 125 -13.55 3.16 3.67
N ASP D 126 -13.21 1.87 3.63
CA ASP D 126 -14.16 0.79 3.60
C ASP D 126 -15.29 0.97 4.59
N GLU D 127 -14.97 0.96 5.90
CA GLU D 127 -16.05 1.00 6.88
C GLU D 127 -16.81 2.31 6.77
N ILE D 128 -16.13 3.39 6.38
CA ILE D 128 -16.77 4.69 6.27
C ILE D 128 -17.84 4.70 5.18
N LEU D 129 -17.45 4.36 3.95
CA LEU D 129 -18.38 4.37 2.84
C LEU D 129 -19.59 3.48 3.12
N MET D 130 -19.35 2.31 3.70
CA MET D 130 -20.47 1.43 3.98
C MET D 130 -21.43 2.10 4.97
N ARG D 131 -20.89 2.88 5.93
CA ARG D 131 -21.77 3.65 6.83
C ARG D 131 -22.56 4.73 6.10
N ARG D 132 -21.92 5.42 5.15
CA ARG D 132 -22.61 6.47 4.39
C ARG D 132 -23.78 5.91 3.60
N LEU D 133 -23.63 4.71 3.06
CA LEU D 133 -24.69 4.11 2.24
C LEU D 133 -25.86 3.60 3.07
N GLY D 134 -25.63 3.22 4.32
CA GLY D 134 -26.65 2.68 5.18
C GLY D 134 -27.64 3.69 5.70
N ASP D 135 -27.42 4.97 5.37
CA ASP D 135 -28.20 6.08 5.91
C ASP D 135 -28.80 6.92 4.77
N ALA D 136 -30.09 6.75 4.50
CA ALA D 136 -30.82 7.63 3.59
C ALA D 136 -31.49 8.80 4.33
N THR D 137 -31.02 9.13 5.54
CA THR D 137 -31.46 10.27 6.34
C THR D 137 -30.61 11.48 6.03
N ARG D 138 -29.39 11.49 6.57
CA ARG D 138 -28.40 12.51 6.19
C ARG D 138 -27.77 12.09 4.87
N ASN D 139 -28.01 12.86 3.81
CA ASN D 139 -27.44 12.57 2.51
C ASN D 139 -26.04 13.18 2.37
N ARG D 140 -25.05 12.31 2.20
CA ARG D 140 -23.63 12.63 2.22
C ARG D 140 -22.99 12.27 0.88
N ASP D 141 -21.74 12.71 0.74
CA ASP D 141 -20.89 12.37 -0.39
C ASP D 141 -20.73 10.85 -0.57
N ILE D 142 -21.29 10.23 -1.62
CA ILE D 142 -20.87 8.85 -1.98
C ILE D 142 -19.67 9.03 -2.91
N GLU D 143 -18.50 9.01 -2.32
CA GLU D 143 -17.27 9.11 -3.09
C GLU D 143 -16.57 7.77 -3.04
N LEU D 144 -15.63 7.62 -3.95
CA LEU D 144 -14.75 6.47 -4.00
C LEU D 144 -14.09 6.27 -2.67
N THR D 145 -13.66 5.04 -2.35
CA THR D 145 -12.90 4.89 -1.12
C THR D 145 -11.57 5.66 -1.16
N SER D 146 -11.02 5.93 -2.35
CA SER D 146 -9.76 6.66 -2.40
C SER D 146 -9.92 8.17 -2.20
N ASP D 147 -11.09 8.72 -2.55
CA ASP D 147 -11.42 10.09 -2.18
C ASP D 147 -11.60 10.22 -0.67
N ILE D 148 -12.23 9.23 -0.04
CA ILE D 148 -12.31 9.23 1.42
C ILE D 148 -10.90 9.11 2.01
N ASP D 149 -10.02 8.32 1.40
CA ASP D 149 -8.65 8.28 1.90
C ASP D 149 -7.93 9.60 1.66
N GLU D 150 -8.18 10.22 0.50
CA GLU D 150 -7.61 11.54 0.19
C GLU D 150 -7.96 12.53 1.30
N HIS D 151 -9.18 12.45 1.83
CA HIS D 151 -9.64 13.35 2.89
C HIS D 151 -8.97 13.03 4.23
N GLN D 152 -8.96 11.76 4.66
CA GLN D 152 -8.30 11.44 5.93
C GLN D 152 -6.82 11.88 5.90
N PHE D 153 -6.25 11.92 4.68
CA PHE D 153 -4.89 12.41 4.51
C PHE D 153 -4.81 13.89 4.86
N MET D 154 -5.62 14.73 4.20
CA MET D 154 -5.54 16.18 4.45
C MET D 154 -6.03 16.54 5.85
N ASN D 155 -6.94 15.76 6.45
CA ASN D 155 -7.31 16.05 7.83
C ASN D 155 -6.10 15.98 8.75
N ARG D 156 -5.24 14.96 8.54
CA ARG D 156 -4.02 14.81 9.33
C ARG D 156 -3.09 15.99 9.10
N CYS D 157 -2.94 16.43 7.85
CA CYS D 157 -2.07 17.59 7.59
C CYS D 157 -2.56 18.85 8.31
N ALA D 158 -3.83 19.25 8.08
CA ALA D 158 -4.37 20.43 8.76
C ALA D 158 -4.31 20.25 10.27
N ALA D 159 -4.64 19.07 10.78
CA ALA D 159 -4.65 18.85 12.21
C ALA D 159 -3.26 19.02 12.79
N MET D 160 -2.24 18.51 12.10
CA MET D 160 -0.90 18.66 12.64
C MET D 160 -0.50 20.13 12.59
N ALA D 161 -0.96 20.87 11.59
CA ALA D 161 -0.63 22.30 11.58
C ALA D 161 -1.25 23.01 12.77
N TYR D 162 -2.53 22.74 13.06
CA TYR D 162 -3.14 23.30 14.27
C TYR D 162 -2.26 23.04 15.49
N GLY D 163 -1.74 21.81 15.61
CA GLY D 163 -0.91 21.48 16.78
C GLY D 163 0.39 22.25 16.87
N VAL D 164 0.99 22.58 15.73
CA VAL D 164 2.22 23.39 15.67
C VAL D 164 1.95 24.83 16.08
N LEU D 165 0.77 25.35 15.72
CA LEU D 165 0.45 26.76 15.91
C LEU D 165 0.02 27.06 17.35
N THR D 166 -0.70 26.16 17.99
CA THR D 166 -1.26 26.32 19.33
C THR D 166 -0.58 25.45 20.37
N GLY D 167 0.15 24.40 19.96
CA GLY D 167 0.72 23.49 20.93
C GLY D 167 -0.26 22.47 21.46
N ALA D 168 -1.46 22.42 20.90
CA ALA D 168 -2.42 21.39 21.27
C ALA D 168 -1.87 20.04 20.85
N THR D 169 -2.16 19.03 21.66
CA THR D 169 -1.85 17.66 21.25
C THR D 169 -2.91 17.18 20.27
N VAL D 170 -2.48 16.34 19.33
CA VAL D 170 -3.31 15.82 18.27
C VAL D 170 -3.40 14.31 18.46
N LYS D 171 -4.61 13.81 18.77
CA LYS D 171 -4.84 12.43 19.14
C LYS D 171 -5.61 11.66 18.07
N ILE D 172 -5.09 10.51 17.65
CA ILE D 172 -5.77 9.65 16.70
C ILE D 172 -6.37 8.47 17.44
N ILE D 173 -7.66 8.29 17.26
CA ILE D 173 -8.44 7.21 17.86
C ILE D 173 -9.11 6.47 16.71
N LYS D 174 -8.98 5.15 16.71
CA LYS D 174 -9.68 4.32 15.73
C LYS D 174 -11.07 4.00 16.24
N ASN D 175 -12.06 4.23 15.38
CA ASN D 175 -13.47 3.93 15.68
C ASN D 175 -13.92 2.89 14.66
N ARG D 176 -13.53 1.63 14.88
CA ARG D 176 -13.73 0.55 13.92
C ARG D 176 -15.00 -0.24 14.20
N ASP D 177 -15.65 -0.69 13.11
CA ASP D 177 -16.87 -1.50 13.21
C ASP D 177 -16.72 -2.64 14.22
N GLY D 178 -17.73 -2.78 15.06
CA GLY D 178 -17.70 -3.77 16.10
C GLY D 178 -16.91 -3.35 17.30
N LEU D 179 -16.17 -2.26 17.22
CA LEU D 179 -15.23 -1.87 18.26
C LEU D 179 -15.38 -0.38 18.58
N LEU D 180 -16.61 0.14 18.48
CA LEU D 180 -16.88 1.50 18.93
C LEU D 180 -16.45 1.69 20.38
N ASP D 181 -16.74 0.69 21.21
CA ASP D 181 -16.43 0.73 22.63
C ASP D 181 -14.97 1.05 22.90
N LYS D 182 -14.06 0.40 22.17
CA LYS D 182 -12.64 0.59 22.41
C LYS D 182 -12.23 2.01 22.12
N ALA D 183 -12.92 2.66 21.18
CA ALA D 183 -12.67 4.07 20.92
C ALA D 183 -13.15 4.91 22.10
N VAL D 184 -14.21 4.48 22.77
CA VAL D 184 -14.76 5.24 23.89
C VAL D 184 -13.82 5.20 25.08
N GLU D 185 -13.34 4.00 25.45
CA GLU D 185 -12.43 3.90 26.59
C GLU D 185 -11.13 4.67 26.35
N GLU D 186 -10.63 4.66 25.11
CA GLU D 186 -9.42 5.44 24.82
C GLU D 186 -9.67 6.95 25.01
N LEU D 187 -10.78 7.46 24.47
CA LEU D 187 -11.07 8.89 24.58
C LEU D 187 -11.27 9.30 26.03
N ILE D 188 -12.07 8.54 26.76
CA ILE D 188 -12.28 8.79 28.18
C ILE D 188 -10.94 8.82 28.88
N SER D 189 -10.07 7.87 28.55
CA SER D 189 -8.74 7.82 29.15
C SER D 189 -7.97 9.11 28.91
N VAL D 190 -8.12 9.67 27.72
CA VAL D 190 -7.34 10.85 27.38
C VAL D 190 -7.81 12.04 28.19
N LEU D 191 -9.09 12.07 28.58
CA LEU D 191 -9.67 13.24 29.23
C LEU D 191 -9.46 13.20 30.73
N LYS D 192 -8.25 12.83 31.18
CA LYS D 192 -7.93 12.82 32.62
C LYS D 192 -6.45 13.12 32.81
N LYS E 2 -12.89 40.18 -7.27
CA LYS E 2 -12.08 41.38 -7.54
C LYS E 2 -10.56 40.97 -7.66
N ASN E 3 -10.14 40.59 -8.89
CA ASN E 3 -8.78 40.20 -9.20
C ASN E 3 -8.44 38.99 -8.35
N LYS E 4 -8.89 37.81 -8.82
CA LYS E 4 -8.74 36.55 -8.10
C LYS E 4 -7.36 36.00 -8.43
N VAL E 5 -6.82 35.21 -7.50
CA VAL E 5 -5.49 34.61 -7.61
C VAL E 5 -5.58 33.10 -7.40
N VAL E 6 -5.34 32.36 -8.47
CA VAL E 6 -5.33 30.91 -8.44
C VAL E 6 -3.90 30.46 -8.61
N VAL E 7 -3.46 29.55 -7.73
CA VAL E 7 -2.12 28.95 -7.76
C VAL E 7 -2.25 27.49 -8.23
N VAL E 8 -1.46 27.14 -9.23
CA VAL E 8 -1.48 25.81 -9.83
C VAL E 8 -0.17 25.12 -9.53
N THR E 9 -0.21 24.00 -8.81
CA THR E 9 1.00 23.30 -8.39
C THR E 9 0.97 21.85 -8.82
N GLY E 10 2.13 21.21 -8.70
CA GLY E 10 2.30 19.82 -9.08
C GLY E 10 3.76 19.59 -9.36
N VAL E 11 4.27 18.36 -9.19
CA VAL E 11 5.70 18.13 -9.39
C VAL E 11 6.00 18.26 -10.88
N PRO E 12 7.25 18.46 -11.25
CA PRO E 12 7.61 18.54 -12.68
C PRO E 12 7.22 17.28 -13.43
N GLY E 13 6.69 17.49 -14.62
CA GLY E 13 6.22 16.42 -15.45
C GLY E 13 4.74 16.12 -15.29
N VAL E 14 4.12 16.59 -14.20
CA VAL E 14 2.73 16.23 -13.91
C VAL E 14 1.73 16.94 -14.80
N GLY E 15 2.15 18.02 -15.45
CA GLY E 15 1.38 18.70 -16.46
C GLY E 15 0.65 19.97 -16.04
N GLY E 16 1.08 20.64 -14.96
CA GLY E 16 0.40 21.83 -14.50
C GLY E 16 0.49 23.01 -15.45
N THR E 17 1.62 23.15 -16.14
CA THR E 17 1.73 24.19 -17.16
C THR E 17 0.76 23.94 -18.30
N THR E 18 0.68 22.69 -18.80
CA THR E 18 -0.23 22.40 -19.91
C THR E 18 -1.69 22.63 -19.50
N LEU E 19 -2.07 22.14 -18.32
CA LEU E 19 -3.43 22.31 -17.82
C LEU E 19 -3.81 23.78 -17.76
N THR E 20 -2.91 24.63 -17.26
CA THR E 20 -3.18 26.06 -17.16
C THR E 20 -3.48 26.66 -18.52
N GLN E 21 -2.70 26.31 -19.53
CA GLN E 21 -2.87 26.91 -20.84
C GLN E 21 -4.16 26.47 -21.50
N LYS E 22 -4.43 25.15 -21.52
CA LYS E 22 -5.66 24.68 -22.17
C LYS E 22 -6.91 25.27 -21.50
N THR E 23 -6.85 25.47 -20.18
CA THR E 23 -7.96 26.05 -19.45
C THR E 23 -8.15 27.51 -19.80
N ILE E 24 -7.06 28.27 -19.85
CA ILE E 24 -7.17 29.70 -20.08
C ILE E 24 -7.73 29.98 -21.47
N GLU E 25 -7.34 29.19 -22.48
CA GLU E 25 -7.84 29.45 -23.83
C GLU E 25 -9.31 29.06 -23.98
N LYS E 26 -9.76 28.04 -23.25
CA LYS E 26 -11.19 27.70 -23.30
C LYS E 26 -12.02 28.66 -22.45
N LEU E 27 -11.46 29.14 -21.33
CA LEU E 27 -12.15 30.14 -20.54
C LEU E 27 -12.34 31.44 -21.30
N LYS E 28 -11.33 31.84 -22.06
CA LYS E 28 -11.51 33.07 -22.83
C LYS E 28 -12.54 32.90 -23.95
N GLU E 29 -12.88 31.66 -24.32
CA GLU E 29 -13.95 31.42 -25.28
C GLU E 29 -15.33 31.73 -24.69
N GLU E 30 -15.45 31.64 -23.35
CA GLU E 30 -16.68 32.01 -22.65
C GLU E 30 -16.57 33.40 -22.04
N GLY E 31 -15.53 34.16 -22.40
CA GLY E 31 -15.31 35.52 -21.93
C GLY E 31 -14.77 35.69 -20.52
N ILE E 32 -14.02 34.73 -20.00
CA ILE E 32 -13.44 34.83 -18.67
C ILE E 32 -11.93 34.98 -18.81
N GLU E 33 -11.40 36.17 -18.52
CA GLU E 33 -9.99 36.44 -18.74
C GLU E 33 -9.20 36.07 -17.49
N TYR E 34 -8.21 35.21 -17.66
CA TYR E 34 -7.19 34.94 -16.66
C TYR E 34 -5.84 35.09 -17.35
N LYS E 35 -4.87 35.66 -16.64
CA LYS E 35 -3.50 35.79 -17.15
C LYS E 35 -2.64 34.72 -16.49
N MET E 36 -1.89 33.98 -17.31
CA MET E 36 -0.97 32.99 -16.79
C MET E 36 0.37 33.62 -16.37
N VAL E 37 0.85 33.21 -15.20
CA VAL E 37 2.12 33.69 -14.65
C VAL E 37 2.91 32.48 -14.19
N ASN E 38 4.11 32.27 -14.74
CA ASN E 38 4.98 31.18 -14.31
C ASN E 38 5.97 31.76 -13.31
N PHE E 39 5.83 31.36 -12.04
CA PHE E 39 6.64 31.91 -10.95
C PHE E 39 8.12 31.70 -11.24
N GLY E 40 8.46 30.51 -11.77
CA GLY E 40 9.85 30.20 -12.10
C GLY E 40 10.41 31.06 -13.22
N THR E 41 9.55 31.56 -14.11
CA THR E 41 10.02 32.48 -15.13
C THR E 41 10.30 33.86 -14.54
N VAL E 42 9.47 34.32 -13.61
CA VAL E 42 9.76 35.58 -12.93
C VAL E 42 11.12 35.47 -12.25
N MET E 43 11.39 34.33 -11.62
CA MET E 43 12.66 34.10 -10.96
C MET E 43 13.82 34.05 -11.96
N PHE E 44 13.66 33.26 -13.03
CA PHE E 44 14.75 33.06 -13.98
C PHE E 44 15.15 34.33 -14.73
N GLU E 45 14.32 35.37 -14.72
CA GLU E 45 14.74 36.62 -15.34
C GLU E 45 15.65 37.42 -14.42
N VAL E 46 15.39 37.32 -13.11
CA VAL E 46 16.22 37.94 -12.09
C VAL E 46 17.49 37.14 -11.83
N ALA E 47 17.40 35.81 -11.88
CA ALA E 47 18.57 34.97 -11.57
C ALA E 47 19.66 35.17 -12.61
N LYS E 48 19.32 34.90 -13.87
CA LYS E 48 20.27 35.12 -14.96
C LYS E 48 20.74 36.58 -15.03
N GLU E 49 19.98 37.54 -14.48
CA GLU E 49 20.41 38.94 -14.45
C GLU E 49 21.64 39.13 -13.58
N GLU E 50 21.78 38.32 -12.53
CA GLU E 50 22.84 38.44 -11.54
C GLU E 50 23.93 37.40 -11.77
N GLY E 51 23.71 36.51 -12.74
CA GLY E 51 24.70 35.53 -13.15
C GLY E 51 24.59 34.16 -12.55
N LEU E 52 23.53 33.88 -11.78
CA LEU E 52 23.48 32.63 -11.07
C LEU E 52 23.12 31.43 -11.95
N VAL E 53 22.56 31.65 -13.15
CA VAL E 53 22.05 30.53 -13.95
C VAL E 53 22.11 30.87 -15.43
N GLU E 54 22.43 29.86 -16.24
CA GLU E 54 22.15 29.90 -17.67
C GLU E 54 20.71 29.50 -18.00
N ASP E 55 20.23 28.37 -17.43
CA ASP E 55 18.88 27.87 -17.68
C ASP E 55 18.15 27.72 -16.34
N ARG E 56 16.87 27.36 -16.40
CA ARG E 56 16.00 27.45 -15.23
C ARG E 56 16.01 26.19 -14.37
N ASP E 57 16.57 25.10 -14.88
CA ASP E 57 16.74 23.91 -14.08
C ASP E 57 17.93 24.01 -13.14
N GLN E 58 18.83 24.98 -13.34
CA GLN E 58 19.91 25.18 -12.38
C GLN E 58 19.46 25.93 -11.12
N MET E 59 18.17 26.29 -11.01
CA MET E 59 17.67 27.17 -9.96
C MET E 59 17.33 26.43 -8.66
N ARG E 60 16.77 25.22 -8.75
CA ARG E 60 16.55 24.42 -7.55
C ARG E 60 17.85 23.91 -6.92
N LYS E 61 19.00 24.13 -7.57
CA LYS E 61 20.29 23.69 -7.07
C LYS E 61 21.12 24.78 -6.37
N LEU E 62 20.78 26.06 -6.55
CA LEU E 62 21.59 27.13 -5.97
C LEU E 62 21.41 27.16 -4.46
N ASP E 63 22.29 27.90 -3.80
CA ASP E 63 22.18 28.20 -2.36
C ASP E 63 20.72 28.37 -1.97
N PRO E 64 20.23 27.65 -0.95
CA PRO E 64 18.80 27.80 -0.58
C PRO E 64 18.46 29.17 -0.01
N ASP E 65 19.44 29.94 0.47
CA ASP E 65 19.21 31.31 0.91
C ASP E 65 19.13 32.25 -0.28
N THR E 66 19.86 31.93 -1.36
CA THR E 66 19.74 32.67 -2.61
C THR E 66 18.38 32.40 -3.27
N GLN E 67 17.85 31.18 -3.13
CA GLN E 67 16.53 30.87 -3.69
C GLN E 67 15.46 31.73 -3.02
N LYS E 68 15.33 31.63 -1.69
CA LYS E 68 14.28 32.37 -0.97
C LYS E 68 14.36 33.87 -1.25
N ARG E 69 15.54 34.39 -1.56
CA ARG E 69 15.64 35.82 -1.86
C ARG E 69 15.00 36.17 -3.20
N ILE E 70 15.23 35.35 -4.22
CA ILE E 70 14.64 35.59 -5.53
C ILE E 70 13.16 35.19 -5.51
N GLN E 71 12.83 34.13 -4.76
CA GLN E 71 11.44 33.76 -4.52
C GLN E 71 10.64 34.92 -3.93
N LYS E 72 11.24 35.66 -2.99
CA LYS E 72 10.48 36.75 -2.37
C LYS E 72 10.24 37.85 -3.38
N LEU E 73 11.28 38.24 -4.10
CA LEU E 73 11.14 39.23 -5.17
C LEU E 73 10.03 38.86 -6.13
N ALA E 74 9.99 37.59 -6.58
CA ALA E 74 9.04 37.19 -7.61
C ALA E 74 7.61 37.27 -7.11
N GLY E 75 7.37 36.88 -5.86
CA GLY E 75 6.03 37.02 -5.31
C GLY E 75 5.57 38.47 -5.26
N ARG E 76 6.46 39.37 -4.90
CA ARG E 76 6.09 40.77 -4.88
C ARG E 76 5.69 41.24 -6.29
N LYS E 77 6.48 40.87 -7.31
CA LYS E 77 6.14 41.23 -8.68
C LYS E 77 4.77 40.70 -9.10
N ILE E 78 4.50 39.44 -8.78
CA ILE E 78 3.28 38.81 -9.25
C ILE E 78 2.08 39.43 -8.57
N ALA E 79 2.19 39.69 -7.26
CA ALA E 79 1.12 40.40 -6.56
C ALA E 79 0.75 41.69 -7.29
N GLU E 80 1.72 42.39 -7.86
CA GLU E 80 1.40 43.56 -8.69
C GLU E 80 0.64 43.16 -9.94
N MET E 81 1.04 42.02 -10.53
CA MET E 81 0.33 41.59 -11.74
C MET E 81 -1.14 41.36 -11.46
N ALA E 82 -1.46 40.84 -10.26
CA ALA E 82 -2.86 40.62 -9.94
C ALA E 82 -3.64 41.91 -9.74
N LYS E 83 -2.97 43.03 -9.42
CA LYS E 83 -3.66 44.30 -9.33
C LYS E 83 -4.30 44.70 -10.68
N GLU E 84 -3.83 44.08 -11.77
CA GLU E 84 -4.31 44.42 -13.12
C GLU E 84 -5.31 43.42 -13.69
N SER E 85 -5.20 42.14 -13.35
CA SER E 85 -6.11 41.11 -13.86
C SER E 85 -6.12 39.91 -12.91
N ASN E 86 -7.07 39.01 -13.11
CA ASN E 86 -6.98 37.70 -12.47
C ASN E 86 -5.74 36.99 -13.00
N VAL E 87 -5.06 36.23 -12.13
CA VAL E 87 -3.87 35.49 -12.50
C VAL E 87 -4.06 34.05 -12.06
N ILE E 88 -3.61 33.12 -12.89
CA ILE E 88 -3.32 31.75 -12.50
C ILE E 88 -1.81 31.71 -12.44
N VAL E 89 -1.26 31.39 -11.27
CA VAL E 89 0.17 31.38 -11.03
C VAL E 89 0.67 29.93 -11.10
N ASP E 90 1.59 29.67 -12.03
CA ASP E 90 2.20 28.35 -12.18
C ASP E 90 3.39 28.18 -11.24
N THR E 91 3.28 27.33 -10.24
CA THR E 91 4.40 27.25 -9.32
C THR E 91 4.38 25.89 -8.63
N HIS E 92 5.07 25.79 -7.50
CA HIS E 92 5.31 24.51 -6.84
C HIS E 92 4.90 24.63 -5.39
N SER E 93 4.17 23.64 -4.89
CA SER E 93 3.93 23.63 -3.46
C SER E 93 5.26 23.57 -2.67
N THR E 94 6.16 22.66 -3.05
CA THR E 94 7.52 22.63 -2.51
C THR E 94 8.47 22.45 -3.69
N VAL E 95 9.67 22.99 -3.55
CA VAL E 95 10.72 22.80 -4.53
C VAL E 95 11.75 21.84 -3.96
N LYS E 96 12.13 20.85 -4.79
CA LYS E 96 13.14 19.86 -4.43
C LYS E 96 14.54 20.38 -4.70
N THR E 97 15.28 20.59 -3.64
CA THR E 97 16.65 21.04 -3.75
C THR E 97 17.58 20.00 -3.14
N PRO E 98 18.89 20.07 -3.40
CA PRO E 98 19.79 19.11 -2.77
C PRO E 98 19.66 19.12 -1.26
N LYS E 99 19.32 20.26 -0.67
CA LYS E 99 19.25 20.38 0.78
C LYS E 99 17.86 20.26 1.34
N GLY E 100 16.91 19.78 0.52
CA GLY E 100 15.60 19.43 1.00
C GLY E 100 14.53 20.12 0.21
N TYR E 101 13.29 19.89 0.65
CA TYR E 101 12.12 20.56 0.13
C TYR E 101 12.04 21.97 0.68
N LEU E 102 11.85 22.92 -0.22
CA LEU E 102 11.70 24.31 0.13
C LEU E 102 10.26 24.71 -0.16
N ALA E 103 9.57 25.26 0.85
CA ALA E 103 8.22 25.73 0.63
C ALA E 103 8.23 26.75 -0.50
N GLY E 104 7.30 26.61 -1.44
CA GLY E 104 7.23 27.56 -2.53
C GLY E 104 6.52 28.83 -2.14
N LEU E 105 5.68 28.75 -1.13
CA LEU E 105 4.97 29.91 -0.60
C LEU E 105 5.16 29.93 0.90
N PRO E 106 6.41 30.14 1.37
CA PRO E 106 6.61 30.39 2.81
C PRO E 106 5.72 31.54 3.25
N ILE E 107 5.37 31.59 4.54
CA ILE E 107 4.27 32.44 5.00
C ILE E 107 4.39 33.88 4.50
N TRP E 108 5.61 34.43 4.34
CA TRP E 108 5.68 35.82 3.88
C TRP E 108 5.34 35.96 2.39
N VAL E 109 5.80 35.04 1.54
CA VAL E 109 5.39 35.09 0.13
C VAL E 109 3.91 34.73 0.01
N LEU E 110 3.45 33.81 0.86
CA LEU E 110 2.06 33.40 0.86
C LEU E 110 1.10 34.57 1.09
N GLU E 111 1.42 35.44 2.06
CA GLU E 111 0.53 36.54 2.42
C GLU E 111 0.49 37.63 1.36
N GLU E 112 1.56 37.77 0.58
CA GLU E 112 1.57 38.78 -0.47
C GLU E 112 0.71 38.38 -1.65
N LEU E 113 0.71 37.08 -1.99
CA LEU E 113 -0.09 36.60 -3.10
C LEU E 113 -1.54 36.41 -2.63
N ASN E 114 -1.70 35.94 -1.39
CA ASN E 114 -2.98 35.68 -0.73
C ASN E 114 -3.90 34.96 -1.70
N PRO E 115 -3.50 33.80 -2.19
CA PRO E 115 -4.28 33.13 -3.23
C PRO E 115 -5.63 32.72 -2.66
N ASP E 116 -6.65 32.74 -3.52
CA ASP E 116 -7.96 32.30 -3.04
C ASP E 116 -8.10 30.77 -3.11
N ILE E 117 -7.45 30.12 -4.08
CA ILE E 117 -7.51 28.69 -4.32
C ILE E 117 -6.10 28.19 -4.65
N ILE E 118 -5.73 27.05 -4.06
CA ILE E 118 -4.46 26.37 -4.33
C ILE E 118 -4.75 25.00 -4.92
N VAL E 119 -4.33 24.80 -6.17
CA VAL E 119 -4.64 23.57 -6.88
C VAL E 119 -3.41 22.67 -6.92
N ILE E 120 -3.62 21.41 -6.59
CA ILE E 120 -2.59 20.37 -6.64
C ILE E 120 -2.96 19.43 -7.78
N VAL E 121 -2.09 19.40 -8.78
CA VAL E 121 -2.23 18.53 -9.93
C VAL E 121 -1.40 17.28 -9.63
N GLU E 122 -2.06 16.12 -9.68
CA GLU E 122 -1.45 14.85 -9.36
C GLU E 122 -1.77 13.80 -10.42
N THR E 123 -0.86 12.84 -10.52
CA THR E 123 -1.09 11.56 -11.16
C THR E 123 -0.09 10.59 -10.53
N SER E 124 -0.06 9.37 -11.04
CA SER E 124 0.82 8.35 -10.47
C SER E 124 2.30 8.67 -10.72
N SER E 125 3.15 8.29 -9.78
CA SER E 125 4.56 8.57 -10.00
C SER E 125 5.10 7.87 -11.23
N ASP E 126 4.57 6.70 -11.54
CA ASP E 126 4.80 6.00 -12.79
C ASP E 126 4.66 6.90 -14.02
N GLU E 127 3.47 7.49 -14.22
CA GLU E 127 3.24 8.30 -15.42
C GLU E 127 4.11 9.54 -15.41
N ILE E 128 4.30 10.14 -14.22
CA ILE E 128 5.16 11.32 -14.12
C ILE E 128 6.58 10.99 -14.58
N LEU E 129 7.18 9.92 -14.03
CA LEU E 129 8.56 9.56 -14.37
C LEU E 129 8.72 9.28 -15.86
N MET E 130 7.75 8.57 -16.45
CA MET E 130 7.81 8.23 -17.86
C MET E 130 7.78 9.50 -18.72
N ARG E 131 6.98 10.49 -18.31
CA ARG E 131 6.99 11.78 -19.00
C ARG E 131 8.35 12.49 -18.84
N ARG E 132 8.93 12.46 -17.64
CA ARG E 132 10.24 13.08 -17.43
C ARG E 132 11.31 12.43 -18.30
N LEU E 133 11.23 11.10 -18.51
CA LEU E 133 12.21 10.44 -19.36
C LEU E 133 11.98 10.69 -20.85
N GLY E 134 10.75 11.03 -21.24
CA GLY E 134 10.44 11.35 -22.61
C GLY E 134 10.86 12.74 -23.08
N ASP E 135 11.38 13.59 -22.20
CA ASP E 135 11.70 15.00 -22.50
C ASP E 135 13.17 15.28 -22.21
N ALA E 136 14.01 15.35 -23.26
CA ALA E 136 15.33 15.94 -23.15
C ALA E 136 15.31 17.40 -23.56
N THR E 137 14.14 18.05 -23.49
CA THR E 137 14.01 19.48 -23.75
C THR E 137 14.35 20.14 -22.43
N ARG E 138 13.39 20.20 -21.52
CA ARG E 138 13.67 20.59 -20.14
C ARG E 138 14.20 19.35 -19.44
N ASN E 139 15.48 19.37 -19.06
CA ASN E 139 16.05 18.24 -18.33
C ASN E 139 15.65 18.32 -16.87
N ARG E 140 15.01 17.27 -16.38
CA ARG E 140 14.39 17.21 -15.07
C ARG E 140 15.00 16.09 -14.24
N ASP E 141 14.69 16.12 -12.92
CA ASP E 141 15.09 15.07 -11.98
C ASP E 141 14.58 13.71 -12.43
N ILE E 142 15.48 12.88 -12.96
CA ILE E 142 15.19 11.45 -13.24
C ILE E 142 15.57 10.68 -11.98
N GLU E 143 14.63 10.62 -11.05
CA GLU E 143 14.70 9.99 -9.74
C GLU E 143 13.75 8.80 -9.69
N LEU E 144 13.92 7.99 -8.67
CA LEU E 144 13.02 6.86 -8.44
C LEU E 144 11.58 7.31 -8.30
N THR E 145 10.64 6.42 -8.68
CA THR E 145 9.22 6.73 -8.53
C THR E 145 8.81 6.92 -7.07
N SER E 146 9.55 6.33 -6.12
CA SER E 146 9.20 6.55 -4.73
C SER E 146 9.61 7.95 -4.25
N ASP E 147 10.65 8.52 -4.87
CA ASP E 147 11.05 9.89 -4.60
C ASP E 147 10.03 10.87 -5.16
N ILE E 148 9.47 10.54 -6.35
CA ILE E 148 8.40 11.37 -6.90
C ILE E 148 7.19 11.32 -5.98
N ASP E 149 6.90 10.14 -5.43
CA ASP E 149 5.78 10.04 -4.52
C ASP E 149 6.04 10.76 -3.21
N GLU E 150 7.27 10.68 -2.70
CA GLU E 150 7.68 11.45 -1.54
C GLU E 150 7.36 12.92 -1.78
N HIS E 151 7.66 13.40 -2.97
CA HIS E 151 7.47 14.80 -3.29
C HIS E 151 5.98 15.17 -3.27
N GLN E 152 5.14 14.41 -3.99
CA GLN E 152 3.70 14.66 -3.97
C GLN E 152 3.16 14.56 -2.54
N PHE E 153 3.80 13.78 -1.67
CA PHE E 153 3.40 13.72 -0.26
C PHE E 153 3.66 15.06 0.44
N MET E 154 4.90 15.57 0.38
CA MET E 154 5.19 16.84 1.06
C MET E 154 4.46 18.01 0.40
N ASN E 155 4.16 17.91 -0.89
CA ASN E 155 3.36 18.94 -1.53
C ASN E 155 1.97 19.03 -0.90
N ARG E 156 1.36 17.89 -0.56
CA ARG E 156 0.07 17.96 0.13
C ARG E 156 0.21 18.62 1.49
N CYS E 157 1.23 18.25 2.25
CA CYS E 157 1.43 18.80 3.58
C CYS E 157 1.59 20.32 3.53
N ALA E 158 2.51 20.82 2.69
CA ALA E 158 2.70 22.26 2.62
C ALA E 158 1.38 22.95 2.23
N ALA E 159 0.71 22.41 1.20
CA ALA E 159 -0.48 23.05 0.64
C ALA E 159 -1.60 23.15 1.67
N MET E 160 -1.79 22.11 2.47
CA MET E 160 -2.81 22.22 3.50
C MET E 160 -2.39 23.24 4.55
N ALA E 161 -1.08 23.39 4.78
CA ALA E 161 -0.65 24.39 5.74
C ALA E 161 -1.01 25.78 5.23
N TYR E 162 -0.78 26.04 3.95
CA TYR E 162 -1.27 27.28 3.33
C TYR E 162 -2.74 27.51 3.60
N GLY E 163 -3.57 26.50 3.35
CA GLY E 163 -5.01 26.64 3.53
C GLY E 163 -5.40 26.90 4.96
N VAL E 164 -4.63 26.36 5.92
CA VAL E 164 -4.85 26.69 7.32
C VAL E 164 -4.47 28.14 7.60
N LEU E 165 -3.39 28.62 6.96
CA LEU E 165 -2.90 29.97 7.26
C LEU E 165 -3.66 31.06 6.51
N THR E 166 -4.11 30.82 5.27
CA THR E 166 -4.74 31.91 4.53
C THR E 166 -6.24 31.73 4.36
N GLY E 167 -6.77 30.51 4.59
CA GLY E 167 -8.16 30.19 4.35
C GLY E 167 -8.49 29.80 2.92
N ALA E 168 -7.48 29.66 2.07
CA ALA E 168 -7.68 29.17 0.72
C ALA E 168 -8.07 27.69 0.72
N THR E 169 -8.94 27.35 -0.24
CA THR E 169 -9.30 25.98 -0.49
C THR E 169 -8.15 25.32 -1.25
N VAL E 170 -7.98 24.02 -1.02
CA VAL E 170 -6.92 23.24 -1.62
C VAL E 170 -7.59 22.18 -2.49
N LYS E 171 -7.46 22.33 -3.80
CA LYS E 171 -8.17 21.50 -4.76
C LYS E 171 -7.20 20.51 -5.37
N ILE E 172 -7.53 19.22 -5.35
CA ILE E 172 -6.71 18.19 -6.01
C ILE E 172 -7.36 17.77 -7.31
N ILE E 173 -6.61 17.84 -8.39
CA ILE E 173 -7.05 17.46 -9.72
C ILE E 173 -6.12 16.37 -10.25
N LYS E 174 -6.70 15.29 -10.77
CA LYS E 174 -5.92 14.26 -11.43
C LYS E 174 -5.74 14.66 -12.89
N ASN E 175 -4.49 14.64 -13.35
CA ASN E 175 -4.13 14.86 -14.75
C ASN E 175 -3.45 13.57 -15.25
N ARG E 176 -4.27 12.57 -15.60
CA ARG E 176 -3.81 11.24 -15.92
C ARG E 176 -3.55 11.12 -17.42
N ASP E 177 -2.57 10.29 -17.78
CA ASP E 177 -2.31 10.04 -19.19
C ASP E 177 -3.60 9.67 -19.92
N GLY E 178 -3.82 10.30 -21.08
CA GLY E 178 -4.99 10.08 -21.90
C GLY E 178 -6.21 10.90 -21.51
N LEU E 179 -6.14 11.61 -20.39
CA LEU E 179 -7.27 12.27 -19.77
C LEU E 179 -6.90 13.69 -19.38
N LEU E 180 -6.06 14.36 -20.21
CA LEU E 180 -5.78 15.77 -20.02
C LEU E 180 -7.05 16.61 -20.09
N ASP E 181 -7.90 16.31 -21.09
CA ASP E 181 -9.17 17.03 -21.27
C ASP E 181 -10.04 17.01 -20.03
N LYS E 182 -10.09 15.88 -19.33
CA LYS E 182 -10.87 15.82 -18.09
C LYS E 182 -10.29 16.69 -16.98
N ALA E 183 -8.95 16.82 -16.89
CA ALA E 183 -8.39 17.69 -15.85
C ALA E 183 -8.72 19.15 -16.12
N VAL E 184 -8.76 19.50 -17.39
CA VAL E 184 -9.10 20.85 -17.81
C VAL E 184 -10.56 21.16 -17.46
N GLU E 185 -11.50 20.24 -17.77
CA GLU E 185 -12.88 20.55 -17.42
C GLU E 185 -13.08 20.62 -15.91
N GLU E 186 -12.37 19.79 -15.14
CA GLU E 186 -12.47 19.95 -13.70
C GLU E 186 -12.00 21.37 -13.31
N LEU E 187 -10.88 21.83 -13.88
CA LEU E 187 -10.38 23.16 -13.54
C LEU E 187 -11.34 24.25 -14.01
N ILE E 188 -11.83 24.15 -15.27
CA ILE E 188 -12.75 25.18 -15.73
C ILE E 188 -13.91 25.29 -14.75
N SER E 189 -14.51 24.16 -14.43
CA SER E 189 -15.63 24.13 -13.51
C SER E 189 -15.27 24.72 -12.15
N VAL E 190 -14.02 24.56 -11.73
CA VAL E 190 -13.58 25.02 -10.41
C VAL E 190 -13.55 26.53 -10.31
N LEU E 191 -13.38 27.24 -11.43
CA LEU E 191 -13.21 28.69 -11.40
C LEU E 191 -14.51 29.43 -11.53
N LYS E 192 -15.60 28.97 -10.92
CA LYS E 192 -16.86 29.69 -11.14
C LYS E 192 -17.87 29.78 -9.99
N LYS F 2 27.06 31.65 8.84
CA LYS F 2 27.29 32.49 10.06
C LYS F 2 26.59 31.74 11.24
N ASN F 3 27.19 30.55 11.57
CA ASN F 3 26.77 29.66 12.68
C ASN F 3 25.40 29.04 12.43
N LYS F 4 25.44 27.86 11.86
CA LYS F 4 24.30 27.13 11.32
C LYS F 4 23.53 26.38 12.40
N VAL F 5 22.22 26.24 12.17
CA VAL F 5 21.32 25.51 13.06
C VAL F 5 20.62 24.46 12.20
N VAL F 6 21.02 23.21 12.38
CA VAL F 6 20.47 22.07 11.67
C VAL F 6 19.69 21.26 12.68
N VAL F 7 18.45 20.93 12.36
CA VAL F 7 17.63 20.09 13.24
C VAL F 7 17.62 18.69 12.67
N VAL F 8 17.86 17.70 13.53
CA VAL F 8 17.84 16.30 13.14
C VAL F 8 16.73 15.63 13.93
N THR F 9 15.72 15.12 13.22
CA THR F 9 14.51 14.62 13.85
C THR F 9 14.27 13.20 13.34
N GLY F 10 13.44 12.47 14.07
CA GLY F 10 13.17 11.08 13.75
C GLY F 10 12.55 10.38 14.93
N VAL F 11 11.77 9.34 14.64
CA VAL F 11 11.06 8.61 15.68
C VAL F 11 12.08 7.83 16.49
N PRO F 12 11.79 7.49 17.75
CA PRO F 12 12.72 6.66 18.51
C PRO F 12 13.03 5.40 17.74
N GLY F 13 14.29 5.03 17.71
CA GLY F 13 14.76 3.86 17.04
C GLY F 13 15.30 4.11 15.64
N VAL F 14 14.97 5.23 15.01
CA VAL F 14 15.40 5.36 13.62
C VAL F 14 16.89 5.66 13.52
N GLY F 15 17.54 6.13 14.58
CA GLY F 15 18.99 6.28 14.57
C GLY F 15 19.56 7.65 14.23
N GLY F 16 18.83 8.73 14.47
CA GLY F 16 19.35 10.04 14.16
C GLY F 16 20.53 10.42 15.03
N THR F 17 20.52 9.96 16.28
CA THR F 17 21.66 10.20 17.16
C THR F 17 22.91 9.57 16.56
N THR F 18 22.83 8.28 16.15
CA THR F 18 23.98 7.61 15.55
C THR F 18 24.37 8.29 14.23
N LEU F 19 23.38 8.62 13.40
CA LEU F 19 23.67 9.34 12.17
C LEU F 19 24.41 10.64 12.46
N THR F 20 23.91 11.44 13.43
CA THR F 20 24.50 12.73 13.77
C THR F 20 25.96 12.59 14.24
N GLN F 21 26.21 11.68 15.18
CA GLN F 21 27.56 11.57 15.72
C GLN F 21 28.53 11.16 14.63
N LYS F 22 28.14 10.18 13.82
CA LYS F 22 29.02 9.70 12.76
C LYS F 22 29.34 10.81 11.76
N THR F 23 28.36 11.68 11.49
CA THR F 23 28.56 12.79 10.55
C THR F 23 29.48 13.83 11.15
N ILE F 24 29.30 14.15 12.43
CA ILE F 24 30.10 15.22 13.07
C ILE F 24 31.56 14.81 13.16
N GLU F 25 31.85 13.55 13.51
CA GLU F 25 33.27 13.18 13.65
C GLU F 25 33.96 13.16 12.29
N LYS F 26 33.24 12.80 11.21
CA LYS F 26 33.81 12.82 9.88
C LYS F 26 33.94 14.23 9.32
N LEU F 27 32.96 15.10 9.64
CA LEU F 27 33.09 16.51 9.31
C LEU F 27 34.30 17.16 9.99
N LYS F 28 34.65 16.75 11.21
CA LYS F 28 35.82 17.34 11.86
C LYS F 28 37.12 16.99 11.18
N GLU F 29 37.12 16.00 10.28
CA GLU F 29 38.32 15.71 9.50
C GLU F 29 38.60 16.78 8.46
N GLU F 30 37.57 17.48 7.99
CA GLU F 30 37.78 18.57 7.04
C GLU F 30 37.80 19.92 7.75
N GLY F 31 37.88 19.94 9.08
CA GLY F 31 37.84 21.18 9.84
C GLY F 31 36.46 21.85 9.89
N ILE F 32 35.36 21.07 9.80
CA ILE F 32 33.99 21.58 9.87
C ILE F 32 33.39 21.15 11.21
N GLU F 33 33.24 22.11 12.11
CA GLU F 33 32.81 21.87 13.48
C GLU F 33 31.30 22.10 13.61
N TYR F 34 30.58 21.08 14.06
CA TYR F 34 29.19 21.19 14.45
C TYR F 34 29.10 20.58 15.85
N LYS F 35 28.32 21.19 16.74
CA LYS F 35 28.13 20.67 18.09
C LYS F 35 26.78 19.97 18.16
N MET F 36 26.77 18.76 18.69
CA MET F 36 25.53 18.02 18.84
C MET F 36 24.82 18.47 20.11
N VAL F 37 23.52 18.73 20.00
CA VAL F 37 22.70 19.15 21.14
C VAL F 37 21.46 18.28 21.16
N ASN F 38 21.23 17.59 22.28
CA ASN F 38 20.05 16.77 22.45
C ASN F 38 19.03 17.66 23.16
N PHE F 39 17.95 17.98 22.45
CA PHE F 39 16.90 18.83 23.02
C PHE F 39 16.34 18.20 24.28
N GLY F 40 16.11 16.87 24.24
CA GLY F 40 15.57 16.15 25.39
C GLY F 40 16.50 16.12 26.57
N THR F 41 17.83 16.16 26.33
CA THR F 41 18.81 16.27 27.40
C THR F 41 18.86 17.69 27.95
N VAL F 42 18.71 18.70 27.10
CA VAL F 42 18.59 20.06 27.61
C VAL F 42 17.39 20.16 28.54
N MET F 43 16.28 19.53 28.15
CA MET F 43 15.08 19.51 28.99
C MET F 43 15.30 18.69 30.27
N PHE F 44 15.82 17.47 30.13
CA PHE F 44 16.09 16.54 31.25
C PHE F 44 17.14 17.09 32.19
N GLU F 45 17.77 18.24 31.84
CA GLU F 45 18.66 18.97 32.76
C GLU F 45 17.84 19.85 33.72
N VAL F 46 16.76 20.44 33.20
CA VAL F 46 15.79 21.20 33.98
C VAL F 46 14.79 20.28 34.69
N ALA F 47 14.44 19.13 34.06
CA ALA F 47 13.45 18.21 34.62
C ALA F 47 13.93 17.58 35.94
N LYS F 48 15.10 16.95 35.93
CA LYS F 48 15.67 16.39 37.16
C LYS F 48 15.96 17.46 38.23
N GLU F 49 16.12 18.74 37.86
CA GLU F 49 16.25 19.80 38.86
C GLU F 49 15.01 19.95 39.72
N GLU F 50 13.84 19.70 39.11
CA GLU F 50 12.54 19.86 39.76
C GLU F 50 11.86 18.54 40.04
N GLY F 51 12.40 17.42 39.57
CA GLY F 51 11.95 16.10 39.95
C GLY F 51 10.89 15.41 39.10
N LEU F 52 10.53 15.95 37.93
CA LEU F 52 9.38 15.36 37.22
C LEU F 52 9.70 14.00 36.65
N VAL F 53 10.99 13.71 36.51
CA VAL F 53 11.45 12.48 35.88
C VAL F 53 12.81 12.18 36.50
N GLU F 54 13.02 10.90 36.81
CA GLU F 54 14.36 10.43 37.14
C GLU F 54 15.20 10.37 35.87
N ASP F 55 14.63 9.83 34.83
CA ASP F 55 15.20 9.62 33.51
C ASP F 55 14.34 10.35 32.51
N ARG F 56 14.71 10.28 31.22
CA ARG F 56 14.11 11.11 30.18
C ARG F 56 13.02 10.39 29.36
N ASP F 57 12.88 9.05 29.48
CA ASP F 57 11.73 8.41 28.83
C ASP F 57 10.42 8.68 29.60
N GLN F 58 10.53 9.19 30.85
CA GLN F 58 9.40 9.63 31.68
C GLN F 58 8.88 11.04 31.37
N MET F 59 9.45 11.73 30.37
CA MET F 59 9.11 13.12 30.10
C MET F 59 7.98 13.25 29.09
N ARG F 60 7.95 12.39 28.05
CA ARG F 60 6.85 12.42 27.10
C ARG F 60 5.54 11.96 27.74
N LYS F 61 5.60 11.37 28.93
CA LYS F 61 4.43 10.91 29.65
C LYS F 61 3.91 11.94 30.65
N LEU F 62 4.70 12.96 31.00
CA LEU F 62 4.29 13.98 31.95
C LEU F 62 3.25 14.92 31.33
N ASP F 63 2.59 15.69 32.21
CA ASP F 63 1.67 16.79 31.87
C ASP F 63 2.12 17.58 30.64
N PRO F 64 1.30 17.68 29.56
CA PRO F 64 1.73 18.50 28.39
C PRO F 64 1.84 20.03 28.63
N ASP F 65 1.24 20.59 29.70
CA ASP F 65 1.46 21.99 30.08
C ASP F 65 2.74 22.17 30.89
N THR F 66 3.22 21.09 31.49
CA THR F 66 4.52 21.07 32.14
C THR F 66 5.66 21.00 31.10
N GLN F 67 5.48 20.28 30.01
CA GLN F 67 6.52 20.27 28.96
C GLN F 67 6.67 21.66 28.34
N LYS F 68 5.61 22.15 27.70
CA LYS F 68 5.67 23.41 26.93
C LYS F 68 6.29 24.51 27.74
N ARG F 69 6.22 24.41 29.07
CA ARG F 69 6.93 25.35 29.91
C ARG F 69 8.45 25.11 29.85
N ILE F 70 8.89 23.85 29.93
CA ILE F 70 10.32 23.54 29.83
C ILE F 70 10.78 23.49 28.38
N GLN F 71 9.93 23.01 27.47
CA GLN F 71 10.28 23.02 26.05
C GLN F 71 10.67 24.42 25.60
N LYS F 72 10.04 25.45 26.17
CA LYS F 72 10.37 26.80 25.76
C LYS F 72 11.73 27.23 26.32
N LEU F 73 12.00 26.97 27.59
CA LEU F 73 13.34 27.24 28.10
C LEU F 73 14.41 26.60 27.20
N ALA F 74 14.21 25.33 26.86
CA ALA F 74 15.25 24.58 26.16
C ALA F 74 15.53 25.18 24.79
N GLY F 75 14.50 25.60 24.07
CA GLY F 75 14.74 26.23 22.79
C GLY F 75 15.61 27.47 22.91
N ARG F 76 15.33 28.30 23.90
CA ARG F 76 16.12 29.52 24.12
C ARG F 76 17.55 29.17 24.50
N LYS F 77 17.70 28.27 25.47
CA LYS F 77 19.02 27.81 25.90
C LYS F 77 19.85 27.41 24.69
N ILE F 78 19.25 26.64 23.77
CA ILE F 78 19.97 26.15 22.60
C ILE F 78 20.22 27.28 21.61
N ALA F 79 19.22 28.14 21.43
CA ALA F 79 19.44 29.36 20.65
C ALA F 79 20.68 30.10 21.11
N GLU F 80 20.95 30.10 22.42
CA GLU F 80 22.16 30.76 22.92
C GLU F 80 23.42 30.00 22.47
N MET F 81 23.36 28.66 22.45
CA MET F 81 24.52 27.91 21.98
C MET F 81 24.91 28.30 20.57
N ALA F 82 23.92 28.63 19.73
CA ALA F 82 24.18 28.93 18.33
C ALA F 82 24.97 30.21 18.11
N LYS F 83 25.07 31.13 19.10
CA LYS F 83 25.90 32.32 18.92
C LYS F 83 27.38 31.99 18.82
N GLU F 84 27.82 30.85 19.36
CA GLU F 84 29.24 30.54 19.40
C GLU F 84 29.66 29.53 18.33
N SER F 85 28.77 28.63 17.91
CA SER F 85 29.17 27.60 16.96
C SER F 85 27.95 27.09 16.22
N ASN F 86 28.20 26.38 15.11
CA ASN F 86 27.12 25.64 14.47
C ASN F 86 26.62 24.56 15.43
N VAL F 87 25.32 24.29 15.41
CA VAL F 87 24.74 23.26 16.27
C VAL F 87 23.92 22.34 15.40
N ILE F 88 24.00 21.03 15.68
CA ILE F 88 23.01 20.06 15.23
C ILE F 88 22.18 19.68 16.44
N VAL F 89 20.88 19.91 16.34
CA VAL F 89 19.92 19.71 17.43
C VAL F 89 19.17 18.39 17.22
N ASP F 90 19.32 17.47 18.18
CA ASP F 90 18.61 16.19 18.19
C ASP F 90 17.27 16.31 18.90
N THR F 91 16.20 16.22 18.13
CA THR F 91 14.90 16.44 18.72
C THR F 91 13.84 15.72 17.87
N HIS F 92 12.59 16.06 18.07
CA HIS F 92 11.50 15.30 17.52
C HIS F 92 10.62 16.23 16.75
N SER F 93 10.29 15.84 15.53
CA SER F 93 9.27 16.60 14.81
C SER F 93 8.00 16.60 15.63
N THR F 94 7.60 15.42 16.14
CA THR F 94 6.53 15.29 17.12
C THR F 94 6.95 14.29 18.20
N VAL F 95 6.44 14.52 19.40
CA VAL F 95 6.64 13.64 20.55
C VAL F 95 5.34 12.87 20.76
N LYS F 96 5.45 11.56 20.95
CA LYS F 96 4.28 10.73 21.18
C LYS F 96 3.99 10.71 22.67
N THR F 97 2.86 11.31 23.06
CA THR F 97 2.38 11.37 24.43
C THR F 97 1.03 10.66 24.55
N PRO F 98 0.63 10.29 25.77
CA PRO F 98 -0.69 9.66 25.95
C PRO F 98 -1.86 10.53 25.48
N LYS F 99 -1.72 11.85 25.54
CA LYS F 99 -2.80 12.75 25.13
C LYS F 99 -2.64 13.17 23.67
N GLY F 100 -1.73 12.52 22.91
CA GLY F 100 -1.58 12.72 21.47
C GLY F 100 -0.16 13.07 21.08
N TYR F 101 0.04 13.39 19.79
CA TYR F 101 1.30 13.94 19.32
C TYR F 101 1.43 15.41 19.72
N LEU F 102 2.59 15.78 20.26
CA LEU F 102 2.89 17.16 20.65
C LEU F 102 4.00 17.68 19.74
N ALA F 103 3.73 18.77 19.02
CA ALA F 103 4.77 19.32 18.15
C ALA F 103 6.00 19.57 18.99
N GLY F 104 7.16 19.23 18.44
CA GLY F 104 8.40 19.46 19.14
C GLY F 104 8.92 20.86 18.99
N LEU F 105 8.50 21.51 17.90
CA LEU F 105 8.82 22.90 17.62
C LEU F 105 7.55 23.72 17.40
N PRO F 106 6.70 23.86 18.42
CA PRO F 106 5.58 24.79 18.26
C PRO F 106 6.16 26.15 17.87
N ILE F 107 5.34 26.97 17.22
CA ILE F 107 5.86 28.14 16.50
C ILE F 107 6.72 29.06 17.39
N TRP F 108 6.40 29.19 18.70
CA TRP F 108 7.22 30.07 19.53
C TRP F 108 8.61 29.48 19.79
N VAL F 109 8.72 28.14 19.88
CA VAL F 109 10.03 27.50 19.98
C VAL F 109 10.75 27.50 18.64
N LEU F 110 10.01 27.25 17.56
CA LEU F 110 10.62 27.21 16.24
C LEU F 110 11.30 28.54 15.95
N GLU F 111 10.66 29.62 16.31
CA GLU F 111 11.23 30.91 15.96
C GLU F 111 12.49 31.23 16.76
N GLU F 112 12.60 30.70 17.98
CA GLU F 112 13.79 31.01 18.77
C GLU F 112 15.00 30.31 18.19
N LEU F 113 14.81 29.13 17.63
CA LEU F 113 15.90 28.38 17.01
C LEU F 113 16.20 28.88 15.60
N ASN F 114 15.14 29.24 14.87
CA ASN F 114 15.21 29.70 13.48
C ASN F 114 16.13 28.77 12.66
N PRO F 115 15.82 27.47 12.60
CA PRO F 115 16.72 26.52 11.95
C PRO F 115 16.82 26.70 10.46
N ASP F 116 17.99 26.34 9.93
CA ASP F 116 18.28 26.46 8.50
C ASP F 116 17.80 25.24 7.72
N ILE F 117 17.93 24.04 8.30
CA ILE F 117 17.62 22.77 7.66
C ILE F 117 16.96 21.89 8.70
N ILE F 118 15.91 21.17 8.28
CA ILE F 118 15.23 20.18 9.13
C ILE F 118 15.33 18.82 8.45
N VAL F 119 15.99 17.86 9.09
CA VAL F 119 16.24 16.55 8.52
C VAL F 119 15.22 15.57 9.11
N ILE F 120 14.61 14.74 8.27
CA ILE F 120 13.73 13.66 8.73
C ILE F 120 14.43 12.35 8.47
N VAL F 121 14.72 11.61 9.53
CA VAL F 121 15.39 10.33 9.44
C VAL F 121 14.30 9.27 9.47
N GLU F 122 14.23 8.48 8.41
CA GLU F 122 13.18 7.49 8.23
C GLU F 122 13.82 6.14 7.87
N THR F 123 13.12 5.09 8.22
CA THR F 123 13.31 3.80 7.62
C THR F 123 11.99 3.09 7.80
N SER F 124 11.93 1.82 7.38
CA SER F 124 10.68 1.08 7.47
C SER F 124 10.33 0.82 8.93
N SER F 125 9.04 0.84 9.21
CA SER F 125 8.57 0.61 10.57
C SER F 125 8.98 -0.76 11.08
N ASP F 126 9.13 -1.72 10.17
CA ASP F 126 9.74 -3.00 10.49
C ASP F 126 11.10 -2.89 11.18
N GLU F 127 12.07 -2.29 10.50
CA GLU F 127 13.42 -2.25 11.05
C GLU F 127 13.44 -1.46 12.36
N ILE F 128 12.59 -0.42 12.49
CA ILE F 128 12.50 0.36 13.71
C ILE F 128 11.94 -0.48 14.87
N LEU F 129 10.79 -1.13 14.66
CA LEU F 129 10.24 -1.96 15.73
C LEU F 129 11.28 -2.96 16.17
N MET F 130 11.98 -3.57 15.21
CA MET F 130 12.97 -4.60 15.52
C MET F 130 14.13 -4.01 16.32
N ARG F 131 14.54 -2.78 16.00
CA ARG F 131 15.55 -2.12 16.82
C ARG F 131 15.02 -1.88 18.25
N ARG F 132 13.75 -1.47 18.38
CA ARG F 132 13.20 -1.22 19.72
C ARG F 132 13.20 -2.48 20.59
N LEU F 133 12.98 -3.66 19.99
CA LEU F 133 12.99 -4.91 20.73
C LEU F 133 14.39 -5.36 21.10
N GLY F 134 15.40 -4.88 20.39
CA GLY F 134 16.78 -5.23 20.68
C GLY F 134 17.41 -4.51 21.86
N ASP F 135 16.69 -3.62 22.55
CA ASP F 135 17.30 -2.78 23.58
C ASP F 135 16.57 -2.87 24.91
N ALA F 136 17.21 -3.49 25.90
CA ALA F 136 16.82 -3.35 27.30
C ALA F 136 17.68 -2.32 28.06
N THR F 137 18.24 -1.31 27.36
CA THR F 137 18.94 -0.19 28.01
C THR F 137 17.93 0.95 28.16
N ARG F 138 17.73 1.70 27.08
CA ARG F 138 16.59 2.62 26.98
C ARG F 138 15.38 1.81 26.50
N ASN F 139 14.38 1.63 27.37
CA ASN F 139 13.13 0.95 27.00
C ASN F 139 12.19 1.92 26.29
N ARG F 140 11.73 1.52 25.10
CA ARG F 140 10.97 2.36 24.17
C ARG F 140 9.57 1.78 23.99
N ASP F 141 8.66 2.58 23.42
CA ASP F 141 7.32 2.12 23.06
C ASP F 141 7.37 0.89 22.15
N ILE F 142 6.94 -0.30 22.60
CA ILE F 142 6.72 -1.46 21.68
C ILE F 142 5.30 -1.30 21.14
N GLU F 143 5.18 -0.59 20.02
CA GLU F 143 3.92 -0.31 19.38
C GLU F 143 3.85 -1.08 18.07
N LEU F 144 2.63 -1.21 17.56
CA LEU F 144 2.43 -1.82 16.26
C LEU F 144 3.29 -1.11 15.22
N THR F 145 3.68 -1.83 14.16
CA THR F 145 4.40 -1.15 13.09
C THR F 145 3.52 -0.07 12.46
N SER F 146 2.20 -0.23 12.54
CA SER F 146 1.32 0.77 11.93
C SER F 146 1.31 2.06 12.75
N ASP F 147 1.45 1.96 14.07
CA ASP F 147 1.62 3.12 14.92
C ASP F 147 2.96 3.79 14.67
N ILE F 148 4.00 3.01 14.41
CA ILE F 148 5.26 3.62 14.00
C ILE F 148 5.08 4.38 12.70
N ASP F 149 4.33 3.78 11.79
CA ASP F 149 4.05 4.43 10.52
C ASP F 149 3.22 5.70 10.72
N GLU F 150 2.23 5.66 11.62
CA GLU F 150 1.45 6.85 11.96
C GLU F 150 2.36 7.96 12.46
N HIS F 151 3.31 7.61 13.33
CA HIS F 151 4.19 8.61 13.92
C HIS F 151 5.07 9.25 12.85
N GLN F 152 5.65 8.46 11.98
CA GLN F 152 6.44 9.06 10.91
C GLN F 152 5.56 9.90 9.99
N PHE F 153 4.26 9.56 9.89
CA PHE F 153 3.34 10.34 9.07
C PHE F 153 3.08 11.73 9.65
N MET F 154 2.72 11.81 10.93
CA MET F 154 2.51 13.13 11.54
C MET F 154 3.81 13.92 11.65
N ASN F 155 4.96 13.23 11.75
CA ASN F 155 6.25 13.92 11.76
C ASN F 155 6.51 14.66 10.44
N ARG F 156 6.20 14.03 9.30
CA ARG F 156 6.42 14.70 8.02
C ARG F 156 5.55 15.94 7.92
N CYS F 157 4.29 15.85 8.39
CA CYS F 157 3.35 16.95 8.33
C CYS F 157 3.88 18.15 9.10
N ALA F 158 4.29 17.94 10.35
CA ALA F 158 4.86 19.01 11.18
C ALA F 158 6.07 19.63 10.50
N ALA F 159 6.99 18.79 9.98
CA ALA F 159 8.23 19.32 9.40
C ALA F 159 7.94 20.24 8.23
N MET F 160 7.02 19.84 7.35
CA MET F 160 6.70 20.72 6.24
C MET F 160 6.01 21.99 6.74
N ALA F 161 5.26 21.91 7.86
CA ALA F 161 4.68 23.11 8.39
C ALA F 161 5.78 24.04 8.91
N TYR F 162 6.76 23.47 9.63
CA TYR F 162 7.95 24.22 10.01
C TYR F 162 8.54 24.91 8.76
N GLY F 163 8.68 24.16 7.67
CA GLY F 163 9.31 24.70 6.48
C GLY F 163 8.51 25.82 5.85
N VAL F 164 7.18 25.77 5.96
CA VAL F 164 6.33 26.86 5.48
C VAL F 164 6.50 28.11 6.35
N LEU F 165 6.66 27.91 7.65
CA LEU F 165 6.67 29.06 8.55
C LEU F 165 8.04 29.74 8.58
N THR F 166 9.13 28.97 8.45
CA THR F 166 10.47 29.57 8.56
C THR F 166 11.24 29.61 7.24
N GLY F 167 10.83 28.85 6.22
CA GLY F 167 11.64 28.76 5.02
C GLY F 167 12.77 27.75 5.12
N ALA F 168 12.84 27.00 6.21
CA ALA F 168 13.83 25.97 6.35
C ALA F 168 13.54 24.88 5.35
N THR F 169 14.60 24.28 4.83
CA THR F 169 14.42 23.11 3.97
C THR F 169 14.22 21.86 4.81
N VAL F 170 13.43 20.93 4.28
CA VAL F 170 13.09 19.69 4.96
C VAL F 170 13.65 18.56 4.11
N LYS F 171 14.69 17.90 4.63
CA LYS F 171 15.46 16.88 3.93
C LYS F 171 15.14 15.54 4.58
N ILE F 172 14.74 14.57 3.76
CA ILE F 172 14.45 13.21 4.21
C ILE F 172 15.67 12.36 3.88
N ILE F 173 16.19 11.69 4.90
CA ILE F 173 17.33 10.80 4.74
C ILE F 173 16.93 9.43 5.27
N LYS F 174 17.11 8.40 4.44
CA LYS F 174 16.88 7.03 4.84
C LYS F 174 18.13 6.50 5.54
N ASN F 175 17.92 5.90 6.70
CA ASN F 175 18.94 5.25 7.52
C ASN F 175 18.53 3.79 7.72
N ARG F 176 18.80 2.98 6.70
CA ARG F 176 18.31 1.61 6.58
C ARG F 176 19.32 0.64 7.15
N ASP F 177 18.82 -0.45 7.72
CA ASP F 177 19.71 -1.53 8.17
C ASP F 177 20.72 -1.84 7.07
N GLY F 178 21.99 -1.93 7.43
CA GLY F 178 23.01 -2.19 6.44
C GLY F 178 23.51 -0.98 5.66
N LEU F 179 22.88 0.18 5.79
CA LEU F 179 23.23 1.32 4.93
C LEU F 179 23.35 2.60 5.76
N LEU F 180 23.74 2.48 7.03
CA LEU F 180 24.08 3.64 7.81
C LEU F 180 25.09 4.50 7.07
N ASP F 181 26.08 3.85 6.45
CA ASP F 181 27.11 4.52 5.67
C ASP F 181 26.51 5.46 4.64
N LYS F 182 25.48 5.01 3.90
CA LYS F 182 24.88 5.85 2.86
C LYS F 182 24.18 7.07 3.45
N ALA F 183 23.67 6.94 4.67
CA ALA F 183 23.02 8.06 5.34
C ALA F 183 24.02 9.11 5.82
N VAL F 184 25.17 8.68 6.32
CA VAL F 184 26.16 9.63 6.75
C VAL F 184 26.73 10.34 5.52
N GLU F 185 26.96 9.61 4.43
CA GLU F 185 27.53 10.23 3.24
C GLU F 185 26.61 11.34 2.75
N GLU F 186 25.30 11.09 2.79
CA GLU F 186 24.31 12.06 2.34
C GLU F 186 24.19 13.26 3.25
N LEU F 187 24.07 13.03 4.54
CA LEU F 187 23.97 14.12 5.50
C LEU F 187 25.21 15.00 5.44
N ILE F 188 26.40 14.38 5.35
CA ILE F 188 27.61 15.17 5.19
C ILE F 188 27.51 16.09 4.00
N SER F 189 27.19 15.51 2.85
CA SER F 189 27.13 16.29 1.62
C SER F 189 26.15 17.43 1.75
N VAL F 190 25.09 17.25 2.55
CA VAL F 190 24.08 18.29 2.73
C VAL F 190 24.60 19.45 3.57
N LEU F 191 25.55 19.20 4.46
CA LEU F 191 26.03 20.22 5.38
C LEU F 191 27.21 20.99 4.79
N LYS F 192 27.09 21.54 3.59
CA LYS F 192 28.20 22.35 3.04
C LYS F 192 27.80 23.56 2.19
#